data_9RZC
#
_entry.id   9RZC
#
_cell.length_a   1.00
_cell.length_b   1.00
_cell.length_c   1.00
_cell.angle_alpha   90.00
_cell.angle_beta   90.00
_cell.angle_gamma   90.00
#
_symmetry.space_group_name_H-M   'P 1'
#
loop_
_entity.id
_entity.type
_entity.pdbx_description
1 polymer 'Non-template DNA'
2 polymer 'Histone-lysine N-methyltransferase SETD2'
3 polymer 'Template DNA'
4 polymer 'Histone H3.2'
5 polymer 'Histone H4'
6 polymer 'Histone H2A type 1-B/E'
7 polymer 'Histone H2B type 1-K'
8 polymer 'FACT complex subunit SPT16'
#
loop_
_entity_poly.entity_id
_entity_poly.type
_entity_poly.pdbx_seq_one_letter_code
_entity_poly.pdbx_strand_id
1 'polydeoxyribonucleotide'
;(DA)(DT)(DC)(DG)(DA)(DT)(DG)(DT)(DA)(DT)(DA)(DT)(DA)(DT)(DC)(DT)(DG)(DA)(DC)(DA)
(DC)(DG)(DT)(DG)(DC)(DC)(DT)(DG)(DG)(DA)(DG)(DA)(DC)(DT)(DA)(DG)(DG)(DG)(DA)(DG)
(DT)(DA)(DA)(DT)(DC)(DC)(DC)(DC)(DT)(DT)(DG)(DG)(DC)(DG)(DG)(DT)(DT)(DA)(DA)(DA)
(DA)(DC)(DG)(DC)(DG)(DG)(DG)(DG)(DG)(DA)(DC)(DA)(DG)(DC)(DG)(DC)(DG)(DT)(DA)(DC)
(DG)(DT)(DG)(DC)(DG)(DT)(DT)(DT)(DA)(DA)(DG)(DC)(DG)(DG)(DT)(DG)(DC)(DT)(DA)(DG)
(DA)(DG)(DC)(DT)(DG)(DT)(DC)(DT)(DA)(DC)(DG)(DA)(DC)(DC)(DA)(DA)(DT)(DT)(DG)(DA)
(DG)(DC)(DG)(DG)(DC)(DC)(DT)(DC)(DG)(DG)(DC)(DA)(DC)(DC)(DG)(DG)(DG)(DA)(DT)(DT)
(DC)(DT)(DG)(DA)(DT)(DA)(DT)(DC)(DG)(DA)(DT)(DC)(DA)(DC)(DT)(DG)(DT)(DC)(DG)(DC)
(DG)(DG)(DC)(DC)(DC)(DT)(DT)(DG)(DT)(DG)(DT)(DT)(DC)(DA)(DG)(DG)(DA)(DG)(DC)(DC)
(DA)(DG)(DC)(DA)(DG)(DG)(DG)(DA)(DG)(DC)(DT)(DG)(DG)(DG)(DA)(DG)(DC)
;
N
2 'polypeptide(L)'
;SNAETSVPPGSALVGPSCVMDDFRDPQRWKECAKQGKMPCYFDLIEENVYLTERKKNKSHRDIKRMQCECTPLSKDERAQ
GEIACGEDCLNRLLMIECSSRCPNGDYCSNRRFQRKQHADVEVILTEKKGWGLRAAKDLPSNTFVLEYCGEVLDHKEFKA
RVKEYARNKNIHYYFMALKNDEIIDATQKGNCSRFMNHSCEPNCETQKWTVNGQLRVGFFTTKLVPSGSELTFDYQFQRY
GKEAQKCFCGSANCRGYLGGENRVSIRAAGGKMKKERSRKKDSVDGELEALMENGEGLSDKNQVLSLSRLMVRIETLEQK
LTCLELIQNTHSQSCLKSFLERHGLSLLWIWMAELGDGRESNQKLQEEIIKTLEHLPIPTKNMLEESKVLPIIQRWSQTK
TAVPPLSEGDGYSSENTSRAHTPLNTPDPSTKLSTEADTDTPKKLMFRRLKIISENSMDSAISDATSELEGKDGKEDLDQ
LENVPVEEEEELQSQQLLPQQLPECKVDSETNIEASKLPTSEPEADAEIELKESNGTKLEEPINEETPSQDEEEGVSDVE
SERSQEQPDKTVDISDLATKLLDSWKDLKEVYRIPKKSQTEKENTTTERGRDAVGFRDQTPAPKTPNRSRERDPDKQTQN
KEKRKRRSSLSPPSSAYERGTKRPDDRYDTPTSKKKVRIKDRNKLSTEERRKLFEQEVAQREAQKQQQQMQNLGMTSPLP
YDSLGYNAPHHPFAGYPPGYPMQAYVDPSNPNAGKVLLPTPSMDPVCSPAPYDHAQPLVGHSTEPLSAPPPVPVVPHVAA
PVEVSSSQYVAQSDGVVHQDSSVAVLPVPAPGPVQGQNYSVWDSNQQSVSVQQQYSPAQSQATIYYQGQTCPTVYGVTSP
YSQTTPPIVQSYAQPSLQYIQGQQIFTAHPQGVVVQPAAAVTTIVAPGQPQPLQPSEMVVTNNLLDLPPPSPPKPKTIVL
PPNWKTARDPEGKIYYYHVITRQTQWDPPTWESPGDDASLEHEAEMDLGTPTYDENPMKASKKPKTAEADTSSELAKKSK
EVFRKEMSQFIVQCLNPYRKPDCKVGRITTTEDFKHLARKLTHGVMNKELKYCKNPEDLECNENVKHKTKEYIKKYMQKF
GAVYKPKEDTELE
;
O
3 'polydeoxyribonucleotide'
;(DG)(DC)(DT)(DC)(DC)(DC)(DA)(DG)(DC)(DT)(DC)(DC)(DC)(DT)(DG)(DC)(DT)(DG)(DG)(DC)
(DT)(DC)(DC)(DG)(DA)(DG)(DT)(DG)(DG)(DG)(DT)(DT)(DC)(DT)(DG)(DC)(DC)(DG)(DC)(DG)
(DA)(DC)(DA)(DG)(DT)(DG)(DA)(DT)(DC)(DG)(DA)(DT)(DA)(DT)(DC)(DA)(DG)(DA)(DA)(DT)
(DC)(DC)(DC)(DG)(DG)(DT)(DG)(DC)(DC)(DG)(DA)(DG)(DG)(DC)(DC)(DG)(DC)(DT)(DC)(DA)
(DA)(DT)(DT)(DG)(DG)(DT)(DC)(DG)(DT)(DA)(DG)(DA)(DC)(DA)(DG)(DC)(DT)(DC)(DT)(DA)
(DG)(DC)(DA)(DC)(DC)(DG)(DC)(DT)(DT)(DA)(DA)(DA)(DC)(DG)(DC)(DA)(DC)(DG)(DT)(DA)
(DC)(DG)(DC)(DG)(DC)(DT)(DG)(DT)(DC)(DC)(DC)(DC)(DC)(DG)(DC)(DG)(DT)(DT)(DT)(DT)
(DA)(DA)(DC)(DC)(DG)(DC)(DC)(DA)(DA)(DG)(DG)(DG)(DG)(DA)(DT)(DT)(DA)(DC)(DT)(DC)
(DC)(DC)(DT)(DA)(DG)(DT)(DC)(DT)(DC)(DC)(DA)(DG)(DG)(DC)(DA)(DC)(DG)(DT)(DG)(DT)
(DC)(DA)(DG)(DA)(DT)(DA)(DT)(DA)(DT)(DA)(DC)(DA)(DT)(DC)(DG)(DA)(DT)
;
T
4 'polypeptide(L)'
;MARTKQTARKSTGGKAPRKQLATKAARKSAPATGGVMKPHRYRPGTVALREIRRYQKSTELLIRKLPFQRLVREIAQDFK
TDLRFQSSAVMALQEASEAYLVGLFEDTNLAAIHAKRVTIMPKDIQLARRIRGERA
;
a,e
5 'polypeptide(L)'
;MSGRGKGGKGLGKGGAKRHRKVLRDNIQGITKPAIRRLARRGGVKRISGLIYEETRGVLKVFLENVIRDAVTYTEHAKRK
TVTAMDVVYALKRQGRTLYGFGG
;
b,f
6 'polypeptide(L)'
;SNAPWMSGRGKQGGKARAKAKTRSSRAGLQFPVGRVHRLLRKGNYSERVGAGAPVYLAAVLEYLTAEILELAGNAARDNK
KTRIIPRHLQLAIRNDEELNKLLGRVTIAQGGVLPNIQAVLLPKKTESHHKAKGK
;
c,g
7 'polypeptide(L)'
;MPEPAKSAPAPKKGSKKAVTKAQKKDGKKRKRSRKESYSVYVYKVLKQVHPDTGISSKAMGIMNSFVNDIFERIAGEASR
LAHYNKRSTITSREIQTAVRLLLPGELAKHAVSEGTKAVTKYTSAK
;
d,h
8 'polypeptide(L)'
;SNMAVTLDKDAYYRRVKRLYSNWRKGEDEYANVDAIVVSVGVDEEIVYAKSTALQTWLFGYELTDTIMVFCDDKIIFMAS
KKKVEFLKQIANTKGNENANGAPAITLLIREKNESNKSSFDKMIEAIKESKNGKKIGVFSKDKFPGEFMKSWNDCLNKEG
FDKIDISAVVAYTIAVKEDGELNLMKKAASITSEVFNKFFKERVMEIVDADEKVRHSKLAESVEKAIEEKKYLAGADPST
VEMCYPPIIQSGGNYNLKFSVVSDKNHMHFGAITCAMGIRFKSYCSNLVRTLMVDPSQEVQENYNFLLQLQEELLKELRH
GVKICDVYNAVMDVVKKQKPELLNKITKNLGFGMGIEFREGSLVINSKNQYKLKKGMVFSINLGFSDLTNKEGKKPEEKT
YALFIGDTVLVDEDGPATVLTSVKKKVKNVGIFLKNEDEEEEEEEKDEAEDLLGRGSRAALLTERTRNEMTAEEKRRAHQ
KELAAQLNEEAKRRLTEQKGEQQIQKARKSNVSYKNPSLMPKEPHIREMKIYIDKKYETVIMPVFGIATPFHIATIKNIS
MSVEGDYTYLRINFYCPGSALGRNEGNIFPNPEATFVKEITYRASNIKAPGEQTVPALNLQNAFRIIKEVQKRYKTREAE
EKEKEGIVKQDSLVINLNRSNPKLKDLYIRPNIAQKRMQGSLEAHVNGFRFTSVRGDKVDILYNNIKHALFQPCDGEMII
VLHFHLKNAIMFGKKRHTDVQFYTEVGEITTDLGKHQHMHDRDDLYAEQMEREMRHKLKTAFKNFIEKVEALTKEELEFE
VPFRDLGFNGAPYRSTCLLQPTSSALVNATEWPPFVVTLDEVELIHFERVQFHLKNFDMVIVYKDYSKKVTMINAIPVAS
LDPIKEWLNSCDLKYTEGVQSLNWTKIMKTIVDDPEGFFEQGGWSFLEPEGEGSDAEEGDSESEIEDETFNPSEDDYEEE
EEDSDEDYSSEAEESDYSKESLGSEEESGKDWDELEEEARKADRESRYEEEEEQSRSMSRKRKASVHSSGRGSNRGSRHS
SAPPKKKRK
;
k
#
# COMPACT_ATOMS: atom_id res chain seq x y z
N ASP B 21 7.20 61.42 -6.40
CA ASP B 21 6.78 62.00 -5.08
C ASP B 21 7.47 61.29 -3.89
N ASP B 22 7.72 59.98 -3.99
CA ASP B 22 8.35 59.28 -2.87
C ASP B 22 9.77 59.81 -2.65
N PHE B 23 10.59 59.81 -3.70
CA PHE B 23 11.94 60.36 -3.67
C PHE B 23 12.81 59.77 -2.54
N ARG B 24 13.02 58.46 -2.62
CA ARG B 24 13.84 57.71 -1.69
C ARG B 24 15.31 58.01 -1.95
N ASP B 25 15.87 58.90 -1.13
CA ASP B 25 17.24 59.39 -1.15
C ASP B 25 17.87 59.22 0.23
N PRO B 26 19.19 59.05 0.30
CA PRO B 26 19.82 58.83 1.61
C PRO B 26 19.85 60.08 2.48
N GLN B 27 19.66 61.27 1.91
CA GLN B 27 19.63 62.48 2.71
C GLN B 27 18.21 62.69 3.24
N ARG B 28 18.08 62.79 4.55
CA ARG B 28 16.78 63.00 5.19
C ARG B 28 16.30 64.43 4.95
N TRP B 29 14.98 64.59 4.80
CA TRP B 29 14.38 65.86 4.46
C TRP B 29 13.60 66.45 5.65
N LYS B 30 12.86 67.54 5.38
CA LYS B 30 12.10 68.28 6.38
C LYS B 30 10.67 67.78 6.59
N GLU B 31 10.45 67.09 7.71
CA GLU B 31 9.14 66.59 8.10
C GLU B 31 9.07 66.57 9.62
N CYS B 32 7.85 66.71 10.16
CA CYS B 32 7.67 66.71 11.61
C CYS B 32 7.46 65.33 12.20
N ALA B 33 8.39 64.43 11.91
CA ALA B 33 8.42 63.06 12.44
C ALA B 33 7.18 62.21 12.11
N LYS B 34 6.46 62.47 11.01
CA LYS B 34 5.30 61.65 10.67
C LYS B 34 5.45 60.83 9.39
N GLN B 35 6.54 61.00 8.63
CA GLN B 35 6.78 60.24 7.42
C GLN B 35 5.67 60.36 6.38
N GLY B 36 4.87 61.42 6.41
CA GLY B 36 3.71 61.47 5.53
C GLY B 36 3.92 62.02 4.13
N LYS B 37 4.69 63.09 3.94
CA LYS B 37 4.91 63.67 2.62
C LYS B 37 6.28 63.35 2.08
N MET B 38 7.19 62.97 2.95
CA MET B 38 8.58 62.62 2.66
C MET B 38 8.85 61.40 3.55
N PRO B 39 9.08 60.23 2.96
CA PRO B 39 9.31 59.03 3.75
C PRO B 39 10.74 58.92 4.27
N CYS B 40 11.48 60.02 4.26
CA CYS B 40 12.87 59.97 4.70
C CYS B 40 13.24 60.94 5.82
N TYR B 41 12.45 60.99 6.87
CA TYR B 41 12.81 61.74 8.09
C TYR B 41 13.41 60.73 9.06
N PHE B 42 12.72 59.60 9.21
CA PHE B 42 13.16 58.44 9.98
C PHE B 42 13.92 57.53 9.01
N ASP B 43 14.28 56.33 9.46
CA ASP B 43 14.99 55.37 8.62
C ASP B 43 14.04 54.28 8.13
N LEU B 44 14.21 53.89 6.86
CA LEU B 44 13.37 52.89 6.20
C LEU B 44 14.23 51.72 5.70
N ILE B 45 13.59 50.53 5.60
CA ILE B 45 14.24 49.29 5.20
C ILE B 45 13.49 48.58 4.07
N GLU B 46 14.26 47.91 3.21
CA GLU B 46 13.74 47.20 2.04
C GLU B 46 13.44 45.72 2.26
N GLU B 47 13.81 45.14 3.41
CA GLU B 47 13.49 43.73 3.66
C GLU B 47 13.50 43.49 5.17
N ASN B 48 12.98 42.33 5.57
CA ASN B 48 12.93 41.95 6.97
C ASN B 48 14.31 41.67 7.57
N VAL B 49 14.62 42.36 8.66
CA VAL B 49 15.87 42.23 9.41
C VAL B 49 15.60 41.48 10.70
N TYR B 50 16.59 40.72 11.15
CA TYR B 50 16.48 39.89 12.36
C TYR B 50 17.40 40.37 13.48
N LEU B 51 16.99 40.09 14.71
CA LEU B 51 17.72 40.47 15.91
C LEU B 51 18.43 39.28 16.53
N THR B 52 17.72 38.16 16.70
CA THR B 52 18.29 36.96 17.32
C THR B 52 18.25 35.86 16.26
N GLU B 53 19.24 35.87 15.36
CA GLU B 53 19.33 34.87 14.30
C GLU B 53 19.53 33.46 14.85
N ARG B 54 18.73 32.52 14.36
CA ARG B 54 18.76 31.14 14.84
C ARG B 54 19.56 30.24 13.92
N LYS B 55 20.28 29.28 14.50
CA LYS B 55 20.94 28.19 13.77
C LYS B 55 20.16 26.90 14.03
N LYS B 56 18.84 27.04 14.15
CA LYS B 56 17.87 25.97 14.43
C LYS B 56 16.71 26.18 13.44
N ASN B 57 17.00 25.97 12.16
CA ASN B 57 16.04 26.24 11.09
C ASN B 57 15.56 24.97 10.35
N LYS B 58 14.43 25.18 9.68
CA LYS B 58 13.68 24.26 8.82
C LYS B 58 14.34 24.02 7.46
N SER B 59 14.82 25.11 6.85
CA SER B 59 15.43 25.17 5.52
C SER B 59 16.39 24.06 5.09
N HIS B 60 17.36 23.69 5.92
CA HIS B 60 18.33 22.66 5.52
C HIS B 60 17.79 21.24 5.49
N ARG B 61 16.74 20.91 6.24
CA ARG B 61 16.20 19.55 6.27
C ARG B 61 14.82 19.35 5.63
N ASP B 62 13.79 20.07 6.08
CA ASP B 62 12.39 19.85 5.68
C ASP B 62 11.98 20.38 4.29
N ILE B 63 12.24 21.64 3.97
CA ILE B 63 11.83 22.18 2.66
C ILE B 63 12.78 21.79 1.52
N LYS B 64 13.94 21.25 1.85
CA LYS B 64 14.98 20.84 0.91
C LYS B 64 14.52 20.14 -0.37
N ARG B 65 13.45 19.34 -0.34
CA ARG B 65 13.01 18.62 -1.54
C ARG B 65 11.52 18.69 -1.88
N MET B 66 10.70 19.51 -1.23
CA MET B 66 9.28 19.56 -1.54
C MET B 66 8.93 20.55 -2.67
N GLN B 67 9.36 20.20 -3.88
CA GLN B 67 9.11 21.01 -5.07
C GLN B 67 7.95 20.43 -5.87
N CYS B 68 7.32 21.28 -6.67
CA CYS B 68 6.21 20.86 -7.51
C CYS B 68 6.65 19.94 -8.64
N GLU B 69 5.73 19.06 -9.04
CA GLU B 69 5.96 18.09 -10.12
C GLU B 69 5.68 18.68 -11.53
N CYS B 70 5.67 20.00 -11.67
CA CYS B 70 5.41 20.71 -12.93
C CYS B 70 6.56 20.52 -13.93
N THR B 71 6.30 19.79 -15.02
CA THR B 71 7.31 19.56 -16.05
C THR B 71 7.83 20.88 -16.61
N PRO B 72 9.14 21.14 -16.56
CA PRO B 72 9.71 22.38 -17.09
C PRO B 72 9.68 22.48 -18.61
N LEU B 73 9.08 23.55 -19.12
CA LEU B 73 9.10 23.79 -20.56
C LEU B 73 10.54 24.13 -20.91
N SER B 74 11.11 23.42 -21.88
CA SER B 74 12.52 23.62 -22.22
C SER B 74 12.79 24.49 -23.45
N LYS B 75 11.78 24.87 -24.21
CA LYS B 75 11.95 25.70 -25.40
C LYS B 75 10.82 26.68 -25.68
N ASP B 76 9.74 26.61 -24.92
CA ASP B 76 8.60 27.50 -25.12
C ASP B 76 8.47 28.56 -24.02
N GLU B 77 9.17 29.69 -24.22
CA GLU B 77 9.11 30.80 -23.28
C GLU B 77 9.15 32.09 -24.09
N ARG B 78 8.61 33.16 -23.50
CA ARG B 78 8.50 34.51 -24.05
C ARG B 78 7.57 34.61 -25.24
N ALA B 79 7.35 33.53 -26.00
CA ALA B 79 6.45 33.54 -27.14
C ALA B 79 5.71 32.22 -27.13
N GLN B 80 4.38 32.28 -27.01
CA GLN B 80 3.57 31.06 -26.92
C GLN B 80 4.09 30.14 -25.82
N GLY B 81 4.74 30.74 -24.81
CA GLY B 81 5.30 30.00 -23.70
C GLY B 81 4.55 30.31 -22.43
N GLU B 82 3.84 29.31 -21.89
CA GLU B 82 3.07 29.54 -20.67
C GLU B 82 3.99 29.57 -19.46
N ILE B 83 3.66 30.42 -18.48
CA ILE B 83 4.51 30.58 -17.31
C ILE B 83 4.60 29.28 -16.50
N ALA B 84 5.82 28.95 -16.09
CA ALA B 84 6.09 27.80 -15.24
C ALA B 84 5.54 27.97 -13.83
N CYS B 85 4.93 26.91 -13.29
CA CYS B 85 4.37 26.94 -11.94
C CYS B 85 3.23 27.94 -11.73
N GLY B 86 2.22 27.84 -12.59
CA GLY B 86 1.04 28.68 -12.49
C GLY B 86 0.15 28.23 -11.34
N GLU B 87 -1.17 28.25 -11.53
CA GLU B 87 -2.10 27.83 -10.47
C GLU B 87 -2.17 26.32 -10.35
N ASP B 88 -1.46 25.60 -11.22
CA ASP B 88 -1.34 24.16 -11.16
C ASP B 88 -0.19 23.76 -10.23
N CYS B 89 0.65 24.72 -9.86
CA CYS B 89 1.80 24.48 -8.99
C CYS B 89 1.34 24.18 -7.56
N LEU B 90 1.56 22.94 -7.12
CA LEU B 90 1.17 22.51 -5.79
C LEU B 90 1.76 23.42 -4.71
N ASN B 91 3.05 23.77 -4.82
CA ASN B 91 3.66 24.67 -3.83
C ASN B 91 2.90 25.99 -3.73
N ARG B 92 2.43 26.51 -4.86
CA ARG B 92 1.66 27.75 -4.85
C ARG B 92 0.36 27.57 -4.06
N LEU B 93 -0.36 26.48 -4.35
CA LEU B 93 -1.61 26.18 -3.62
C LEU B 93 -1.37 26.01 -2.12
N LEU B 94 -0.21 25.49 -1.73
CA LEU B 94 0.13 25.28 -0.33
C LEU B 94 0.71 26.52 0.35
N MET B 95 0.78 27.66 -0.33
CA MET B 95 1.35 28.91 0.20
C MET B 95 2.85 28.80 0.47
N ILE B 96 3.57 28.07 -0.39
CA ILE B 96 5.02 27.89 -0.26
C ILE B 96 5.67 28.34 -1.56
N GLU B 97 6.74 29.12 -1.46
CA GLU B 97 7.50 29.49 -2.64
C GLU B 97 8.50 28.40 -2.98
N CYS B 98 8.72 28.17 -4.27
CA CYS B 98 9.71 27.16 -4.65
C CYS B 98 11.10 27.56 -4.20
N SER B 99 11.95 26.59 -3.87
CA SER B 99 13.30 26.89 -3.42
C SER B 99 14.22 27.13 -4.62
N SER B 100 15.50 27.38 -4.33
CA SER B 100 16.50 27.57 -5.38
C SER B 100 16.61 26.38 -6.32
N ARG B 101 16.24 25.19 -5.83
CA ARG B 101 16.26 23.94 -6.57
C ARG B 101 14.97 23.65 -7.32
N CYS B 102 14.12 24.64 -7.54
CA CYS B 102 12.93 24.41 -8.31
C CYS B 102 13.32 23.87 -9.68
N PRO B 103 12.62 22.86 -10.20
CA PRO B 103 12.97 22.30 -11.51
C PRO B 103 12.94 23.30 -12.66
N ASN B 104 12.22 24.41 -12.52
CA ASN B 104 12.14 25.43 -13.55
C ASN B 104 13.26 26.47 -13.44
N GLY B 105 14.17 26.31 -12.50
CA GLY B 105 15.28 27.25 -12.32
C GLY B 105 14.84 28.68 -12.08
N ASP B 106 15.26 29.59 -12.96
CA ASP B 106 14.91 31.00 -12.85
C ASP B 106 13.70 31.40 -13.69
N TYR B 107 12.96 30.44 -14.22
CA TYR B 107 11.76 30.74 -14.98
C TYR B 107 10.50 30.50 -14.16
N CYS B 108 10.67 30.02 -12.93
CA CYS B 108 9.54 29.79 -12.03
C CYS B 108 8.87 31.11 -11.66
N SER B 109 7.53 31.10 -11.66
CA SER B 109 6.73 32.27 -11.31
C SER B 109 6.24 32.23 -9.87
N ASN B 110 6.66 31.24 -9.09
CA ASN B 110 6.27 31.09 -7.69
C ASN B 110 7.39 31.52 -6.74
N ARG B 111 8.34 32.31 -7.23
CA ARG B 111 9.44 32.88 -6.46
C ARG B 111 9.39 34.40 -6.59
N ARG B 112 8.30 34.99 -6.09
CA ARG B 112 7.95 36.41 -6.13
C ARG B 112 8.57 37.17 -4.96
N PHE B 113 8.52 36.62 -3.75
CA PHE B 113 9.14 37.28 -2.60
C PHE B 113 10.65 37.37 -2.82
N GLN B 114 11.25 36.26 -3.25
CA GLN B 114 12.68 36.15 -3.52
C GLN B 114 13.15 37.13 -4.60
N ARG B 115 12.34 37.34 -5.63
CA ARG B 115 12.67 38.25 -6.74
C ARG B 115 12.37 39.73 -6.47
N LYS B 116 11.89 40.10 -5.28
CA LYS B 116 11.53 41.48 -4.95
C LYS B 116 10.44 42.04 -5.86
N GLN B 117 9.57 41.17 -6.36
CA GLN B 117 8.48 41.57 -7.25
C GLN B 117 7.37 42.26 -6.44
N HIS B 118 7.17 43.56 -6.69
CA HIS B 118 6.14 44.34 -6.00
C HIS B 118 5.11 44.84 -7.00
N ALA B 119 4.10 45.53 -6.47
CA ALA B 119 3.05 46.15 -7.26
C ALA B 119 3.24 47.66 -7.26
N ASP B 120 2.67 48.33 -8.27
CA ASP B 120 2.74 49.78 -8.37
C ASP B 120 1.77 50.42 -7.38
N VAL B 121 2.30 50.98 -6.29
CA VAL B 121 1.45 51.58 -5.26
C VAL B 121 2.05 52.90 -4.76
N GLU B 122 1.16 53.79 -4.32
CA GLU B 122 1.51 55.12 -3.82
C GLU B 122 1.01 55.30 -2.38
N VAL B 123 1.71 56.13 -1.61
CA VAL B 123 1.33 56.43 -0.22
C VAL B 123 0.71 57.83 -0.17
N ILE B 124 -0.56 57.91 0.26
CA ILE B 124 -1.27 59.19 0.33
C ILE B 124 -2.07 59.29 1.64
N LEU B 125 -2.59 60.50 1.90
CA LEU B 125 -3.44 60.78 3.05
C LEU B 125 -4.90 60.85 2.61
N THR B 126 -5.76 60.10 3.31
CA THR B 126 -7.19 60.03 3.01
C THR B 126 -8.10 60.43 4.16
N GLU B 127 -7.81 59.97 5.38
CA GLU B 127 -8.63 60.23 6.55
C GLU B 127 -7.75 60.68 7.71
N LYS B 128 -8.39 61.29 8.72
CA LYS B 128 -7.68 61.76 9.90
C LYS B 128 -7.10 60.61 10.72
N LYS B 129 -7.37 59.37 10.31
CA LYS B 129 -6.84 58.17 10.96
C LYS B 129 -5.35 58.02 10.68
N GLY B 130 -4.90 58.44 9.50
CA GLY B 130 -3.50 58.36 9.15
C GLY B 130 -3.29 58.18 7.65
N TRP B 131 -2.05 57.89 7.27
CA TRP B 131 -1.70 57.68 5.88
C TRP B 131 -2.07 56.26 5.42
N GLY B 132 -2.13 56.08 4.09
CA GLY B 132 -2.50 54.80 3.51
C GLY B 132 -1.89 54.56 2.13
N LEU B 133 -2.29 53.45 1.48
CA LEU B 133 -1.78 53.06 0.17
C LEU B 133 -2.89 53.07 -0.88
N ARG B 134 -2.54 53.39 -2.13
CA ARG B 134 -3.46 53.28 -3.25
C ARG B 134 -2.79 52.57 -4.42
N ALA B 135 -3.58 51.83 -5.20
CA ALA B 135 -3.07 51.16 -6.39
C ALA B 135 -2.89 52.17 -7.51
N ALA B 136 -1.71 52.19 -8.15
CA ALA B 136 -1.49 53.17 -9.21
C ALA B 136 -2.10 52.75 -10.54
N LYS B 137 -2.28 51.46 -10.77
CA LYS B 137 -2.85 50.95 -12.02
C LYS B 137 -3.88 49.86 -11.73
N ASP B 138 -4.42 49.29 -12.81
CA ASP B 138 -5.39 48.21 -12.72
C ASP B 138 -4.76 46.93 -12.19
N LEU B 139 -5.39 46.32 -11.17
CA LEU B 139 -4.87 45.08 -10.58
C LEU B 139 -5.93 43.98 -10.50
N PRO B 140 -5.67 42.79 -11.06
CA PRO B 140 -6.63 41.68 -10.93
C PRO B 140 -6.63 41.11 -9.52
N SER B 141 -7.51 40.14 -9.27
CA SER B 141 -7.54 39.45 -7.98
C SER B 141 -6.37 38.45 -7.89
N ASN B 142 -6.06 38.05 -6.65
CA ASN B 142 -4.95 37.13 -6.35
C ASN B 142 -3.58 37.65 -6.81
N THR B 143 -3.41 38.97 -6.83
CA THR B 143 -2.17 39.62 -7.24
C THR B 143 -1.36 40.00 -6.00
N PHE B 144 -0.12 39.51 -5.94
CA PHE B 144 0.77 39.80 -4.83
C PHE B 144 1.22 41.26 -4.84
N VAL B 145 0.92 41.97 -3.74
CA VAL B 145 1.23 43.38 -3.57
C VAL B 145 2.62 43.62 -2.95
N LEU B 146 2.75 43.34 -1.64
CA LEU B 146 4.00 43.59 -0.94
C LEU B 146 4.18 42.65 0.25
N GLU B 147 5.45 42.42 0.61
CA GLU B 147 5.79 41.66 1.82
C GLU B 147 5.78 42.58 3.05
N TYR B 148 5.27 42.08 4.18
CA TYR B 148 5.30 42.85 5.42
C TYR B 148 6.69 42.73 6.08
N CYS B 149 7.60 43.59 5.64
CA CYS B 149 8.98 43.62 6.15
C CYS B 149 9.14 44.41 7.45
N GLY B 150 9.90 43.85 8.38
CA GLY B 150 10.15 44.52 9.65
C GLY B 150 11.21 43.79 10.46
N GLU B 151 11.36 44.24 11.72
CA GLU B 151 12.31 43.61 12.64
C GLU B 151 11.66 42.40 13.31
N VAL B 152 12.31 41.24 13.28
CA VAL B 152 11.77 40.06 13.95
C VAL B 152 12.25 40.00 15.40
N LEU B 153 11.29 40.09 16.32
CA LEU B 153 11.51 40.08 17.76
C LEU B 153 11.38 38.68 18.39
N ASP B 154 12.12 38.49 19.49
CA ASP B 154 12.11 37.30 20.33
C ASP B 154 11.12 37.43 21.50
N HIS B 155 11.09 36.40 22.36
CA HIS B 155 10.22 36.39 23.54
C HIS B 155 10.56 37.47 24.56
N LYS B 156 11.84 37.78 24.71
CA LYS B 156 12.30 38.75 25.72
C LYS B 156 12.17 40.21 25.30
N GLU B 157 12.63 40.57 24.10
CA GLU B 157 12.56 41.96 23.67
C GLU B 157 11.17 42.44 23.25
N PHE B 158 10.28 41.57 22.77
CA PHE B 158 8.93 42.04 22.43
C PHE B 158 8.21 42.64 23.65
N LYS B 159 8.21 41.91 24.76
CA LYS B 159 7.57 42.35 26.01
C LYS B 159 8.29 43.55 26.64
N ALA B 160 9.51 43.87 26.17
CA ALA B 160 10.28 45.03 26.61
C ALA B 160 9.98 46.23 25.71
N ARG B 161 9.91 45.98 24.40
CA ARG B 161 9.59 46.97 23.38
C ARG B 161 8.21 47.57 23.65
N VAL B 162 7.23 46.71 23.93
CA VAL B 162 5.85 47.13 24.19
C VAL B 162 5.74 48.01 25.43
N LYS B 163 6.39 47.66 26.53
CA LYS B 163 6.27 48.47 27.74
C LYS B 163 7.17 49.70 27.73
N GLU B 164 8.28 49.69 26.99
CA GLU B 164 9.17 50.85 26.92
C GLU B 164 8.69 51.91 25.91
N TYR B 165 8.11 51.49 24.78
CA TYR B 165 7.68 52.42 23.72
C TYR B 165 6.40 53.19 24.05
N ALA B 166 5.51 52.68 24.90
CA ALA B 166 4.29 53.41 25.25
C ALA B 166 4.59 54.75 25.90
N ARG B 167 5.64 54.83 26.71
CA ARG B 167 6.04 56.08 27.35
C ARG B 167 6.92 56.95 26.46
N ASN B 168 7.20 56.51 25.23
CA ASN B 168 7.94 57.28 24.24
C ASN B 168 6.97 58.01 23.30
N LYS B 169 5.66 57.91 23.57
CA LYS B 169 4.55 58.56 22.84
C LYS B 169 4.41 58.18 21.36
N ASN B 170 4.72 56.94 20.97
CA ASN B 170 4.51 56.51 19.59
C ASN B 170 3.02 56.48 19.29
N ILE B 171 2.61 57.06 18.16
CA ILE B 171 1.19 57.10 17.79
C ILE B 171 0.71 55.73 17.28
N HIS B 172 1.41 55.14 16.31
CA HIS B 172 1.05 53.82 15.80
C HIS B 172 2.07 52.77 16.25
N TYR B 173 1.56 51.56 16.46
CA TYR B 173 2.38 50.41 16.85
C TYR B 173 2.19 49.36 15.76
N TYR B 174 3.28 48.73 15.34
CA TYR B 174 3.29 47.80 14.21
C TYR B 174 3.73 46.39 14.58
N PHE B 175 3.24 45.85 15.70
CA PHE B 175 3.56 44.50 16.14
C PHE B 175 2.63 43.49 15.49
N MET B 176 3.19 42.45 14.87
CA MET B 176 2.41 41.37 14.27
C MET B 176 2.93 40.02 14.74
N ALA B 177 2.02 39.18 15.27
CA ALA B 177 2.38 37.86 15.78
C ALA B 177 2.56 36.86 14.63
N LEU B 178 3.81 36.52 14.31
CA LEU B 178 4.16 35.60 13.24
C LEU B 178 4.15 34.13 13.69
N LYS B 179 4.74 33.85 14.85
CA LYS B 179 4.77 32.52 15.46
C LYS B 179 4.78 32.67 16.98
N ASN B 180 4.83 31.52 17.66
CA ASN B 180 4.92 31.51 19.12
C ASN B 180 6.15 32.27 19.59
N ASP B 181 7.20 32.31 18.77
CA ASP B 181 8.46 32.95 19.12
C ASP B 181 8.98 33.91 18.05
N GLU B 182 8.15 34.28 17.08
CA GLU B 182 8.51 35.26 16.05
C GLU B 182 7.43 36.33 15.97
N ILE B 183 7.79 37.57 16.32
CA ILE B 183 6.89 38.72 16.24
C ILE B 183 7.54 39.81 15.39
N ILE B 184 6.89 40.23 14.30
CA ILE B 184 7.44 41.28 13.44
C ILE B 184 7.10 42.64 14.05
N ASP B 185 8.10 43.53 14.07
CA ASP B 185 7.95 44.90 14.54
C ASP B 185 8.45 45.89 13.49
N ALA B 186 7.53 46.57 12.80
CA ALA B 186 7.88 47.57 11.80
C ALA B 186 7.98 49.00 12.38
N THR B 187 8.08 49.13 13.70
CA THR B 187 8.11 50.45 14.33
C THR B 187 9.35 51.27 13.97
N GLN B 188 10.56 50.71 14.09
CA GLN B 188 11.72 51.53 13.73
C GLN B 188 11.94 51.56 12.23
N LYS B 189 11.87 50.41 11.57
CA LYS B 189 12.07 50.36 10.12
C LYS B 189 11.02 49.45 9.50
N GLY B 190 10.55 49.85 8.32
CA GLY B 190 9.57 49.06 7.58
C GLY B 190 9.51 49.53 6.15
N ASN B 191 9.10 48.63 5.26
CA ASN B 191 8.98 48.99 3.85
C ASN B 191 7.64 49.71 3.63
N CYS B 192 7.24 49.83 2.36
CA CYS B 192 6.02 50.53 1.97
C CYS B 192 4.72 49.87 2.43
N SER B 193 4.74 48.65 2.97
CA SER B 193 3.51 48.00 3.41
C SER B 193 3.11 48.35 4.84
N ARG B 194 3.98 49.05 5.58
CA ARG B 194 3.66 49.47 6.94
C ARG B 194 2.50 50.48 6.95
N PHE B 195 2.17 51.05 5.79
CA PHE B 195 1.08 52.02 5.67
C PHE B 195 -0.28 51.46 5.22
N MET B 196 -0.41 50.16 4.94
CA MET B 196 -1.71 49.63 4.52
C MET B 196 -2.68 49.67 5.71
N ASN B 197 -3.80 50.36 5.53
CA ASN B 197 -4.84 50.57 6.53
C ASN B 197 -5.89 49.45 6.64
N HIS B 198 -6.55 49.45 7.79
CA HIS B 198 -7.64 48.52 8.12
C HIS B 198 -8.95 48.85 7.40
N SER B 199 -9.58 47.83 6.82
CA SER B 199 -10.91 48.00 6.24
C SER B 199 -11.78 46.79 6.55
N CYS B 200 -13.04 47.05 6.91
CA CYS B 200 -14.01 46.00 7.14
C CYS B 200 -14.49 45.40 5.84
N GLU B 201 -14.34 46.14 4.75
CA GLU B 201 -14.63 45.70 3.38
C GLU B 201 -13.30 45.90 2.64
N PRO B 202 -12.34 45.01 2.87
CA PRO B 202 -11.03 45.14 2.25
C PRO B 202 -10.99 44.62 0.82
N ASN B 203 -9.88 44.94 0.17
CA ASN B 203 -9.55 44.47 -1.17
C ASN B 203 -8.24 43.68 -1.16
N CYS B 204 -7.58 43.55 0.00
CA CYS B 204 -6.37 42.74 0.14
C CYS B 204 -6.46 41.97 1.46
N GLU B 205 -5.66 40.92 1.57
CA GLU B 205 -5.56 40.11 2.79
C GLU B 205 -4.11 39.77 3.10
N THR B 206 -3.86 39.42 4.38
CA THR B 206 -2.54 39.03 4.87
C THR B 206 -2.38 37.52 4.87
N GLN B 207 -1.56 37.00 3.97
CA GLN B 207 -1.34 35.56 3.83
C GLN B 207 0.03 35.17 4.36
N LYS B 208 0.08 34.03 5.04
CA LYS B 208 1.31 33.46 5.57
C LYS B 208 1.98 32.62 4.46
N TRP B 209 3.15 33.04 4.00
CA TRP B 209 3.90 32.34 2.95
C TRP B 209 5.25 31.85 3.49
N THR B 210 5.62 30.61 3.16
CA THR B 210 6.91 30.05 3.57
C THR B 210 7.88 30.11 2.39
N VAL B 211 8.99 30.81 2.57
CA VAL B 211 10.01 31.01 1.55
C VAL B 211 11.34 30.43 2.03
N ASN B 212 11.86 29.43 1.30
CA ASN B 212 13.13 28.80 1.65
C ASN B 212 13.22 28.40 3.13
N GLY B 213 12.09 27.98 3.71
CA GLY B 213 12.05 27.61 5.11
C GLY B 213 11.89 28.74 6.09
N GLN B 214 11.57 29.94 5.61
CA GLN B 214 11.38 31.13 6.44
C GLN B 214 9.93 31.55 6.30
N LEU B 215 9.26 31.80 7.42
CA LEU B 215 7.88 32.28 7.34
C LEU B 215 7.88 33.79 7.08
N ARG B 216 7.02 34.22 6.15
CA ARG B 216 6.87 35.60 5.73
C ARG B 216 5.39 35.90 5.52
N VAL B 217 5.00 37.16 5.66
CA VAL B 217 3.61 37.58 5.45
C VAL B 217 3.55 38.42 4.18
N GLY B 218 2.56 38.15 3.34
CA GLY B 218 2.39 38.88 2.10
C GLY B 218 0.96 39.37 1.92
N PHE B 219 0.84 40.53 1.28
CA PHE B 219 -0.46 41.13 0.96
C PHE B 219 -0.91 40.70 -0.43
N PHE B 220 -2.17 40.25 -0.56
CA PHE B 220 -2.67 39.79 -1.84
C PHE B 220 -4.06 40.36 -2.09
N THR B 221 -4.32 40.78 -3.33
CA THR B 221 -5.62 41.35 -3.68
C THR B 221 -6.72 40.31 -3.63
N THR B 222 -7.86 40.68 -3.05
CA THR B 222 -9.01 39.82 -2.95
C THR B 222 -10.08 40.15 -4.00
N LYS B 223 -10.06 41.38 -4.53
CA LYS B 223 -10.95 41.81 -5.60
C LYS B 223 -10.22 42.72 -6.60
N LEU B 224 -10.93 43.03 -7.68
CA LEU B 224 -10.47 43.85 -8.80
C LEU B 224 -10.31 45.29 -8.30
N VAL B 225 -9.08 45.80 -8.23
CA VAL B 225 -8.79 47.14 -7.76
C VAL B 225 -8.55 48.09 -8.94
N PRO B 226 -9.44 49.05 -9.19
CA PRO B 226 -9.26 50.04 -10.27
C PRO B 226 -8.08 50.96 -10.03
N SER B 227 -7.53 51.48 -11.13
CA SER B 227 -6.42 52.42 -11.08
C SER B 227 -6.78 53.65 -10.25
N GLY B 228 -5.98 53.88 -9.21
CA GLY B 228 -6.09 54.98 -8.28
C GLY B 228 -6.96 54.76 -7.06
N SER B 229 -7.31 53.51 -6.75
CA SER B 229 -8.17 53.18 -5.61
C SER B 229 -7.33 52.79 -4.39
N GLU B 230 -7.85 53.11 -3.20
CA GLU B 230 -7.14 52.80 -1.96
C GLU B 230 -7.10 51.29 -1.70
N LEU B 231 -5.94 50.82 -1.24
CA LEU B 231 -5.68 49.43 -0.88
C LEU B 231 -5.79 49.25 0.63
N THR B 232 -6.58 48.27 1.07
CA THR B 232 -6.77 48.00 2.49
C THR B 232 -6.98 46.51 2.74
N PHE B 233 -6.68 46.10 3.97
CA PHE B 233 -6.85 44.71 4.41
C PHE B 233 -7.54 44.68 5.76
N ASP B 234 -8.05 43.51 6.12
CA ASP B 234 -8.72 43.31 7.39
C ASP B 234 -7.70 43.11 8.50
N TYR B 235 -7.46 44.16 9.28
CA TYR B 235 -6.53 44.04 10.40
C TYR B 235 -7.09 43.07 11.43
N GLN B 236 -6.47 41.90 11.59
CA GLN B 236 -6.91 40.93 12.60
C GLN B 236 -6.20 41.25 13.92
N PHE B 237 -6.45 42.48 14.36
CA PHE B 237 -5.86 43.10 15.54
C PHE B 237 -6.48 42.69 16.88
N GLN B 238 -5.66 42.93 17.91
CA GLN B 238 -5.92 42.71 19.33
C GLN B 238 -5.38 43.93 20.06
N ARG B 239 -5.88 44.20 21.27
CA ARG B 239 -5.40 45.32 22.07
C ARG B 239 -4.65 44.78 23.30
N TYR B 240 -3.32 44.97 23.28
CA TYR B 240 -2.42 44.48 24.32
C TYR B 240 -2.21 45.48 25.45
N GLY B 241 -2.18 46.78 25.14
CA GLY B 241 -1.98 47.81 26.13
C GLY B 241 -3.18 48.16 26.98
N LYS B 242 -2.91 49.04 27.96
CA LYS B 242 -3.93 49.55 28.87
C LYS B 242 -4.81 50.59 28.19
N GLU B 243 -4.32 51.22 27.12
CA GLU B 243 -4.99 52.26 26.36
C GLU B 243 -6.00 51.68 25.38
N ALA B 244 -6.97 52.51 24.97
CA ALA B 244 -8.00 52.13 24.01
C ALA B 244 -7.89 52.98 22.74
N GLN B 245 -7.90 52.30 21.59
CA GLN B 245 -7.79 52.91 20.26
C GLN B 245 -9.07 52.66 19.46
N LYS B 246 -9.38 53.55 18.50
CA LYS B 246 -10.56 53.41 17.65
C LYS B 246 -10.25 53.72 16.18
N CYS B 247 -10.97 53.03 15.28
CA CYS B 247 -10.88 53.15 13.83
C CYS B 247 -11.97 54.06 13.25
N PHE B 248 -11.57 54.93 12.31
CA PHE B 248 -12.45 55.87 11.64
C PHE B 248 -12.82 55.53 10.19
N CYS B 249 -12.64 54.29 9.73
CA CYS B 249 -12.96 53.99 8.33
C CYS B 249 -14.45 54.15 8.04
N GLY B 250 -15.31 53.43 8.77
CA GLY B 250 -16.75 53.57 8.64
C GLY B 250 -17.36 53.30 7.27
N SER B 251 -16.96 52.22 6.62
CA SER B 251 -17.46 51.88 5.28
C SER B 251 -18.95 51.52 5.31
N ALA B 252 -19.30 50.40 5.94
CA ALA B 252 -20.70 49.99 6.04
C ALA B 252 -21.05 49.29 7.36
N ASN B 253 -20.09 48.57 7.94
CA ASN B 253 -20.33 47.79 9.15
C ASN B 253 -19.09 47.81 10.05
N CYS B 254 -18.49 48.98 10.23
CA CYS B 254 -17.27 49.15 11.00
C CYS B 254 -17.43 48.93 12.50
N ARG B 255 -16.63 48.01 13.03
CA ARG B 255 -16.61 47.69 14.46
C ARG B 255 -16.13 48.88 15.30
N GLY B 256 -15.17 49.64 14.80
CA GLY B 256 -14.64 50.80 15.52
C GLY B 256 -13.69 50.59 16.69
N TYR B 257 -13.91 49.61 17.58
CA TYR B 257 -13.03 49.41 18.74
C TYR B 257 -12.27 48.10 18.69
N LEU B 258 -10.98 48.19 19.05
CA LEU B 258 -10.09 47.03 19.06
C LEU B 258 -10.38 46.05 20.19
N GLY B 259 -10.84 44.85 19.84
CA GLY B 259 -11.04 43.76 20.79
C GLY B 259 -12.04 43.85 21.93
N GLY B 260 -12.88 44.89 21.98
CA GLY B 260 -13.82 45.03 23.08
C GLY B 260 -13.01 45.34 24.33
N GLU B 261 -13.40 44.78 25.49
CA GLU B 261 -12.67 45.03 26.72
C GLU B 261 -11.77 43.84 27.12
N ASN B 262 -11.28 43.08 26.13
CA ASN B 262 -10.43 41.92 26.38
C ASN B 262 -9.05 42.27 26.97
N ARG B 263 -8.42 41.23 27.54
CA ARG B 263 -7.14 41.27 28.26
C ARG B 263 -6.17 40.18 27.80
N VAL B 264 -6.24 39.79 26.52
CA VAL B 264 -5.38 38.72 26.00
C VAL B 264 -3.94 39.19 25.86
N SER B 265 -3.00 38.37 26.36
CA SER B 265 -1.57 38.65 26.35
C SER B 265 -1.27 40.07 26.78
N GLY D 34 -2.62 50.82 21.29
CA GLY D 34 -2.90 49.81 20.22
C GLY D 34 -2.51 48.41 20.63
N GLY D 35 -2.07 47.61 19.68
CA GLY D 35 -1.68 46.24 19.99
C GLY D 35 -1.36 45.42 18.76
N VAL D 36 -1.00 44.18 19.03
CA VAL D 36 -0.58 43.21 18.01
C VAL D 36 -1.74 42.77 17.11
N MET D 37 -1.40 42.40 15.87
CA MET D 37 -2.37 41.83 14.93
C MET D 37 -1.75 40.55 14.36
N LYS D 38 -2.60 39.68 13.80
CA LYS D 38 -2.14 38.40 13.27
C LYS D 38 -2.36 38.23 11.76
N PRO D 39 -1.45 37.57 11.04
CA PRO D 39 -1.79 37.16 9.67
C PRO D 39 -2.96 36.20 9.80
N HIS D 40 -3.86 36.15 8.81
CA HIS D 40 -5.00 35.28 9.03
C HIS D 40 -4.62 33.80 9.13
N ARG D 41 -5.44 33.07 9.86
CA ARG D 41 -5.32 31.63 10.10
C ARG D 41 -5.18 30.86 8.78
N TYR D 42 -4.36 29.81 8.76
CA TYR D 42 -4.25 29.05 7.52
C TYR D 42 -5.59 28.47 7.13
N ARG D 43 -5.92 28.57 5.85
CA ARG D 43 -7.18 28.04 5.38
C ARG D 43 -7.23 26.55 5.72
N PRO D 44 -8.36 26.03 6.21
CA PRO D 44 -8.37 24.63 6.60
C PRO D 44 -8.04 23.74 5.41
N GLY D 45 -7.29 22.67 5.68
CA GLY D 45 -6.77 21.78 4.68
C GLY D 45 -5.40 22.15 4.14
N THR D 46 -4.92 23.38 4.37
CA THR D 46 -3.63 23.79 3.84
C THR D 46 -2.49 23.12 4.61
N VAL D 47 -2.65 23.01 5.93
CA VAL D 47 -1.66 22.32 6.74
C VAL D 47 -1.80 20.83 6.52
N ALA D 48 -3.03 20.34 6.35
CA ALA D 48 -3.24 18.93 6.09
C ALA D 48 -2.48 18.50 4.83
N LEU D 49 -2.64 19.25 3.73
CA LEU D 49 -1.93 18.95 2.50
C LEU D 49 -0.41 19.13 2.66
N ARG D 50 -0.02 20.07 3.51
CA ARG D 50 1.40 20.28 3.79
C ARG D 50 1.99 19.09 4.55
N GLU D 51 1.26 18.58 5.54
CA GLU D 51 1.67 17.40 6.29
C GLU D 51 1.67 16.17 5.39
N ILE D 52 0.74 16.08 4.44
CA ILE D 52 0.77 15.00 3.46
C ILE D 52 2.11 15.04 2.71
N ARG D 53 2.43 16.19 2.10
CA ARG D 53 3.71 16.30 1.39
C ARG D 53 4.88 15.97 2.30
N ARG D 54 4.90 16.54 3.52
CA ARG D 54 5.97 16.33 4.49
C ARG D 54 6.18 14.85 4.82
N TYR D 55 5.12 14.14 5.17
CA TYR D 55 5.21 12.74 5.58
C TYR D 55 5.20 11.72 4.43
N GLN D 56 4.93 12.15 3.21
CA GLN D 56 5.08 11.26 2.06
C GLN D 56 6.47 11.40 1.47
N LYS D 57 7.03 12.62 1.54
CA LYS D 57 8.38 12.90 1.06
C LYS D 57 9.46 12.18 1.88
N SER D 58 9.32 12.15 3.20
CA SER D 58 10.33 11.51 4.05
C SER D 58 10.14 9.99 4.11
N THR D 59 11.22 9.31 4.50
CA THR D 59 11.23 7.87 4.76
C THR D 59 11.79 7.68 6.16
N GLU D 60 10.92 7.33 7.10
CA GLU D 60 11.27 7.17 8.51
C GLU D 60 10.12 6.48 9.20
N LEU D 61 10.38 5.98 10.41
CA LEU D 61 9.32 5.37 11.19
C LEU D 61 8.50 6.51 11.81
N LEU D 62 7.18 6.40 11.71
CA LEU D 62 6.26 7.42 12.22
C LEU D 62 5.84 7.21 13.67
N ILE D 63 5.50 5.98 14.06
CA ILE D 63 5.08 5.72 15.43
C ILE D 63 6.29 5.83 16.37
N ARG D 64 6.07 6.45 17.52
CA ARG D 64 7.14 6.57 18.51
C ARG D 64 7.68 5.16 18.78
N LYS D 65 8.98 4.97 18.54
CA LYS D 65 9.61 3.66 18.67
C LYS D 65 9.43 3.01 20.05
N LEU D 66 9.65 3.75 21.15
CA LEU D 66 9.51 3.13 22.47
C LEU D 66 8.08 2.70 22.79
N PRO D 67 7.05 3.55 22.60
CA PRO D 67 5.67 3.11 22.82
C PRO D 67 5.32 1.87 22.00
N PHE D 68 5.70 1.87 20.73
CA PHE D 68 5.46 0.72 19.86
C PHE D 68 6.19 -0.53 20.37
N GLN D 69 7.43 -0.39 20.82
CA GLN D 69 8.17 -1.54 21.34
C GLN D 69 7.49 -2.12 22.58
N ARG D 70 6.85 -1.26 23.38
CA ARG D 70 6.08 -1.76 24.53
C ARG D 70 4.81 -2.46 24.07
N LEU D 71 4.10 -1.90 23.09
CA LEU D 71 2.91 -2.56 22.56
C LEU D 71 3.25 -3.96 22.03
N VAL D 72 4.32 -4.07 21.25
CA VAL D 72 4.75 -5.36 20.69
C VAL D 72 5.06 -6.35 21.82
N ARG D 73 5.81 -5.91 22.83
CA ARG D 73 6.09 -6.81 23.94
C ARG D 73 4.81 -7.21 24.64
N GLU D 74 3.90 -6.26 24.86
CA GLU D 74 2.66 -6.54 25.58
C GLU D 74 1.88 -7.66 24.91
N ILE D 75 1.58 -7.51 23.61
CA ILE D 75 0.78 -8.55 22.97
C ILE D 75 1.58 -9.85 22.81
N ALA D 76 2.90 -9.80 22.92
CA ALA D 76 3.66 -11.06 22.87
C ALA D 76 3.53 -11.87 24.17
N GLN D 77 3.32 -11.18 25.30
CA GLN D 77 3.17 -11.84 26.61
C GLN D 77 2.03 -12.86 26.62
N ASP D 78 0.94 -12.58 25.90
CA ASP D 78 -0.21 -13.48 25.82
C ASP D 78 0.11 -14.81 25.16
N PHE D 79 1.17 -14.89 24.36
CA PHE D 79 1.52 -16.11 23.63
C PHE D 79 2.65 -16.91 24.25
N LYS D 80 3.61 -16.28 24.93
CA LYS D 80 4.70 -17.04 25.56
C LYS D 80 5.28 -16.22 26.69
N THR D 81 5.29 -16.83 27.89
CA THR D 81 5.85 -16.21 29.09
C THR D 81 7.35 -15.96 29.00
N ASP D 82 7.76 -14.78 29.49
CA ASP D 82 9.16 -14.36 29.61
C ASP D 82 9.89 -14.27 28.27
N LEU D 83 9.20 -13.92 27.19
CA LEU D 83 9.84 -13.73 25.89
C LEU D 83 10.86 -12.59 25.90
N ARG D 84 11.74 -12.62 24.90
CA ARG D 84 12.79 -11.62 24.69
C ARG D 84 12.77 -11.32 23.18
N PHE D 85 13.24 -10.14 22.77
CA PHE D 85 13.20 -9.78 21.35
C PHE D 85 14.51 -9.24 20.78
N GLN D 86 14.84 -9.64 19.54
CA GLN D 86 15.94 -9.01 18.82
C GLN D 86 15.55 -7.58 18.50
N SER D 87 16.48 -6.64 18.66
CA SER D 87 16.16 -5.25 18.34
C SER D 87 15.67 -5.11 16.90
N SER D 88 16.35 -5.78 15.97
CA SER D 88 15.98 -5.83 14.56
C SER D 88 14.57 -6.37 14.34
N ALA D 89 14.09 -7.25 15.20
CA ALA D 89 12.73 -7.79 15.08
C ALA D 89 11.68 -6.71 15.32
N VAL D 90 11.89 -5.82 16.28
CA VAL D 90 10.90 -4.75 16.48
C VAL D 90 10.96 -3.78 15.31
N MET D 91 12.17 -3.44 14.85
CA MET D 91 12.30 -2.58 13.68
C MET D 91 11.51 -3.13 12.50
N ALA D 92 11.59 -4.44 12.30
CA ALA D 92 10.88 -5.13 11.22
C ALA D 92 9.37 -5.10 11.44
N LEU D 93 8.93 -5.38 12.66
CA LEU D 93 7.51 -5.34 12.98
C LEU D 93 6.94 -3.95 12.79
N GLN D 94 7.72 -2.91 13.09
CA GLN D 94 7.26 -1.54 12.91
C GLN D 94 7.17 -1.20 11.42
N GLU D 95 8.20 -1.56 10.65
CA GLU D 95 8.14 -1.34 9.21
C GLU D 95 6.91 -2.02 8.60
N ALA D 96 6.63 -3.25 9.04
CA ALA D 96 5.47 -4.01 8.56
C ALA D 96 4.15 -3.36 9.01
N SER D 97 4.05 -2.96 10.28
CA SER D 97 2.85 -2.33 10.80
C SER D 97 2.55 -1.03 10.05
N GLU D 98 3.54 -0.17 9.91
CA GLU D 98 3.31 1.12 9.25
C GLU D 98 3.05 0.94 7.75
N ALA D 99 3.71 -0.02 7.09
CA ALA D 99 3.39 -0.29 5.68
C ALA D 99 1.96 -0.82 5.54
N TYR D 100 1.48 -1.54 6.55
CA TYR D 100 0.11 -2.06 6.54
C TYR D 100 -0.89 -0.94 6.77
N LEU D 101 -0.65 -0.10 7.77
CA LEU D 101 -1.56 1.00 8.07
C LEU D 101 -1.55 2.03 6.93
N VAL D 102 -0.41 2.27 6.28
CA VAL D 102 -0.39 3.17 5.13
C VAL D 102 -1.22 2.59 3.99
N GLY D 103 -1.02 1.30 3.66
CA GLY D 103 -1.81 0.70 2.60
C GLY D 103 -3.30 0.68 2.92
N LEU D 104 -3.59 0.58 4.23
CA LEU D 104 -4.96 0.63 4.73
C LEU D 104 -5.52 2.03 4.58
N PHE D 105 -4.81 3.05 5.03
CA PHE D 105 -5.32 4.42 4.93
C PHE D 105 -5.43 4.87 3.48
N GLU D 106 -4.54 4.43 2.59
CA GLU D 106 -4.69 4.75 1.16
C GLU D 106 -6.01 4.19 0.63
N ASP D 107 -6.30 2.91 0.91
CA ASP D 107 -7.57 2.36 0.42
C ASP D 107 -8.76 2.97 1.15
N THR D 108 -8.61 3.29 2.44
CA THR D 108 -9.66 3.96 3.20
C THR D 108 -9.94 5.34 2.60
N ASN D 109 -8.88 6.07 2.25
CA ASN D 109 -9.05 7.39 1.65
C ASN D 109 -9.78 7.26 0.33
N LEU D 110 -9.53 6.18 -0.42
CA LEU D 110 -10.29 6.00 -1.65
C LEU D 110 -11.77 5.74 -1.32
N ALA D 111 -12.03 5.00 -0.23
CA ALA D 111 -13.40 4.79 0.23
C ALA D 111 -14.07 6.11 0.63
N ALA D 112 -13.31 7.01 1.26
CA ALA D 112 -13.79 8.32 1.71
C ALA D 112 -13.94 9.30 0.55
N ILE D 113 -13.24 9.06 -0.55
CA ILE D 113 -13.38 9.90 -1.75
C ILE D 113 -14.60 9.40 -2.49
N HIS D 114 -14.83 8.09 -2.42
CA HIS D 114 -16.10 7.54 -2.86
C HIS D 114 -17.15 8.11 -1.91
N ALA D 115 -18.43 7.94 -2.24
CA ALA D 115 -19.48 8.54 -1.43
C ALA D 115 -19.40 10.07 -1.41
N LYS D 116 -18.65 10.64 -2.36
CA LYS D 116 -18.49 12.09 -2.55
C LYS D 116 -18.23 12.89 -1.27
N ARG D 117 -17.19 12.50 -0.53
CA ARG D 117 -16.83 13.22 0.69
C ARG D 117 -15.31 13.28 0.80
N VAL D 118 -14.79 13.61 1.98
CA VAL D 118 -13.35 13.77 2.18
C VAL D 118 -12.82 13.19 3.49
N THR D 119 -13.62 13.25 4.55
CA THR D 119 -13.20 12.83 5.88
C THR D 119 -13.22 11.31 6.05
N ILE D 120 -12.07 10.77 6.46
CA ILE D 120 -11.96 9.35 6.78
C ILE D 120 -12.78 9.06 8.03
N MET D 121 -13.57 7.99 7.97
CA MET D 121 -14.43 7.53 9.05
C MET D 121 -14.32 6.03 9.21
N PRO D 122 -14.63 5.50 10.41
CA PRO D 122 -14.54 4.06 10.65
C PRO D 122 -15.25 3.22 9.60
N LYS D 123 -16.43 3.66 9.14
CA LYS D 123 -17.14 2.95 8.08
C LYS D 123 -16.25 2.77 6.85
N ASP D 124 -15.35 3.72 6.61
CA ASP D 124 -14.43 3.62 5.47
C ASP D 124 -13.33 2.59 5.74
N ILE D 125 -12.81 2.53 6.96
CA ILE D 125 -11.78 1.54 7.28
C ILE D 125 -12.39 0.14 7.18
N GLN D 126 -13.54 -0.04 7.82
CA GLN D 126 -14.24 -1.32 7.81
C GLN D 126 -14.59 -1.75 6.39
N LEU D 127 -14.93 -0.80 5.52
CA LEU D 127 -15.20 -1.13 4.13
C LEU D 127 -13.92 -1.55 3.41
N ALA D 128 -12.84 -0.78 3.57
CA ALA D 128 -11.58 -1.14 2.92
C ALA D 128 -11.15 -2.54 3.32
N ARG D 129 -11.25 -2.87 4.61
CA ARG D 129 -10.90 -4.21 5.09
C ARG D 129 -11.83 -5.27 4.52
N ARG D 130 -13.15 -5.05 4.56
CA ARG D 130 -14.10 -6.03 4.05
C ARG D 130 -13.91 -6.27 2.54
N ILE D 131 -13.69 -5.20 1.76
CA ILE D 131 -13.46 -5.38 0.32
C ILE D 131 -12.14 -6.12 0.10
N ARG D 132 -11.10 -5.69 0.80
CA ARG D 132 -9.79 -6.32 0.65
C ARG D 132 -9.90 -7.82 0.93
N GLY D 133 -10.68 -8.20 1.94
CA GLY D 133 -10.97 -9.58 2.26
C GLY D 133 -10.53 -10.03 3.64
N GLU D 134 -10.39 -9.08 4.55
CA GLU D 134 -9.90 -9.36 5.90
C GLU D 134 -11.04 -9.42 6.93
N ASP E 25 -1.83 -2.50 29.14
CA ASP E 25 -2.66 -1.81 28.11
C ASP E 25 -1.90 -0.66 27.42
N ASN E 26 -0.82 -1.02 26.72
CA ASN E 26 0.06 -0.10 26.02
C ASN E 26 -0.44 0.29 24.63
N ILE E 27 -1.58 -0.24 24.18
CA ILE E 27 -2.11 0.13 22.86
C ILE E 27 -2.35 1.64 22.77
N GLN E 28 -2.67 2.28 23.90
CA GLN E 28 -2.85 3.73 23.95
C GLN E 28 -1.57 4.49 23.63
N GLY E 29 -0.42 3.83 23.59
CA GLY E 29 0.83 4.44 23.20
C GLY E 29 0.86 4.81 21.73
N ILE E 30 -0.05 4.24 20.94
CA ILE E 30 -0.22 4.59 19.54
C ILE E 30 -1.08 5.85 19.57
N THR E 31 -0.41 6.98 19.73
CA THR E 31 -1.01 8.29 19.94
C THR E 31 -1.80 8.81 18.73
N LYS E 32 -2.71 9.72 19.04
CA LYS E 32 -3.56 10.41 18.07
C LYS E 32 -2.73 11.06 16.96
N PRO E 33 -1.70 11.85 17.26
CA PRO E 33 -0.90 12.45 16.18
C PRO E 33 -0.08 11.42 15.43
N ALA E 34 0.34 10.32 16.05
CA ALA E 34 1.07 9.28 15.31
C ALA E 34 0.13 8.63 14.30
N ILE E 35 -1.08 8.30 14.73
CA ILE E 35 -2.09 7.74 13.83
C ILE E 35 -2.33 8.72 12.70
N ARG E 36 -2.53 9.99 13.04
CA ARG E 36 -2.70 11.05 12.04
C ARG E 36 -1.55 11.03 11.05
N ARG E 37 -0.32 10.94 11.54
CA ARG E 37 0.88 10.93 10.72
C ARG E 37 0.86 9.78 9.72
N LEU E 38 0.47 8.59 10.17
CA LEU E 38 0.35 7.46 9.26
C LEU E 38 -0.74 7.74 8.22
N ALA E 39 -1.85 8.33 8.64
CA ALA E 39 -2.89 8.71 7.68
C ALA E 39 -2.37 9.74 6.68
N ARG E 40 -1.55 10.70 7.14
CA ARG E 40 -0.94 11.68 6.23
C ARG E 40 -0.04 11.01 5.22
N ARG E 41 0.79 10.05 5.66
CA ARG E 41 1.60 9.34 4.70
C ARG E 41 0.70 8.65 3.68
N GLY E 42 -0.45 8.16 4.15
CA GLY E 42 -1.49 7.57 3.34
C GLY E 42 -2.30 8.56 2.49
N GLY E 43 -1.94 9.84 2.51
CA GLY E 43 -2.62 10.84 1.71
C GLY E 43 -3.97 11.32 2.23
N VAL E 44 -4.23 11.14 3.53
CA VAL E 44 -5.51 11.49 4.16
C VAL E 44 -5.53 12.97 4.55
N LYS E 45 -6.50 13.72 4.02
CA LYS E 45 -6.67 15.15 4.26
C LYS E 45 -7.45 15.51 5.54
N ARG E 46 -8.47 14.74 5.92
CA ARG E 46 -9.28 15.04 7.10
C ARG E 46 -9.66 13.73 7.80
N ILE E 47 -9.70 13.73 9.14
CA ILE E 47 -9.90 12.50 9.90
C ILE E 47 -10.96 12.64 10.99
N SER E 48 -11.87 11.66 11.06
CA SER E 48 -12.89 11.60 12.09
C SER E 48 -12.30 11.20 13.45
N GLY E 49 -12.80 11.79 14.53
CA GLY E 49 -12.31 11.50 15.87
C GLY E 49 -12.51 10.06 16.36
N LEU E 50 -13.33 9.26 15.67
CA LEU E 50 -13.54 7.86 16.04
C LEU E 50 -12.46 6.94 15.46
N ILE E 51 -11.75 7.42 14.44
CA ILE E 51 -10.72 6.68 13.71
C ILE E 51 -9.61 6.17 14.61
N TYR E 52 -9.25 6.91 15.65
CA TYR E 52 -8.15 6.51 16.54
C TYR E 52 -8.37 5.16 17.24
N GLU E 53 -9.62 4.85 17.61
CA GLU E 53 -9.87 3.55 18.23
C GLU E 53 -10.00 2.45 17.17
N GLU E 54 -10.63 2.75 16.04
CA GLU E 54 -10.70 1.77 14.96
C GLU E 54 -9.29 1.37 14.52
N THR E 55 -8.40 2.34 14.36
CA THR E 55 -7.01 2.11 13.97
C THR E 55 -6.25 1.34 15.05
N ARG E 56 -6.47 1.65 16.32
CA ARG E 56 -5.83 0.87 17.38
C ARG E 56 -6.31 -0.58 17.34
N GLY E 57 -7.59 -0.80 17.07
CA GLY E 57 -8.13 -2.15 16.95
C GLY E 57 -7.50 -2.91 15.79
N VAL E 58 -7.49 -2.28 14.62
CA VAL E 58 -6.92 -2.88 13.39
C VAL E 58 -5.43 -3.18 13.57
N LEU E 59 -4.67 -2.25 14.12
CA LEU E 59 -3.24 -2.49 14.35
C LEU E 59 -3.02 -3.60 15.38
N LYS E 60 -3.82 -3.65 16.46
CA LYS E 60 -3.64 -4.71 17.44
C LYS E 60 -3.97 -6.08 16.82
N VAL E 61 -4.98 -6.14 15.95
CA VAL E 61 -5.30 -7.39 15.24
C VAL E 61 -4.12 -7.79 14.33
N PHE E 62 -3.61 -6.85 13.54
CA PHE E 62 -2.51 -7.12 12.64
C PHE E 62 -1.28 -7.63 13.42
N LEU E 63 -0.89 -6.93 14.47
CA LEU E 63 0.25 -7.37 15.29
C LEU E 63 -0.05 -8.68 16.01
N GLU E 64 -1.27 -8.90 16.48
CA GLU E 64 -1.58 -10.18 17.13
C GLU E 64 -1.29 -11.32 16.16
N ASN E 65 -1.80 -11.20 14.94
CA ASN E 65 -1.60 -12.21 13.91
C ASN E 65 -0.12 -12.38 13.56
N VAL E 66 0.65 -11.29 13.45
CA VAL E 66 2.08 -11.40 13.13
C VAL E 66 2.88 -11.96 14.31
N ILE E 67 2.66 -11.44 15.50
CA ILE E 67 3.41 -11.87 16.68
C ILE E 67 3.11 -13.34 17.03
N ARG E 68 1.85 -13.78 16.95
CA ARG E 68 1.54 -15.18 17.25
C ARG E 68 2.33 -16.13 16.35
N ASP E 69 2.51 -15.78 15.08
CA ASP E 69 3.27 -16.62 14.16
C ASP E 69 4.78 -16.49 14.37
N ALA E 70 5.27 -15.26 14.59
CA ALA E 70 6.69 -15.09 14.87
C ALA E 70 7.07 -15.89 16.12
N VAL E 71 6.21 -15.87 17.14
CA VAL E 71 6.42 -16.65 18.35
C VAL E 71 6.37 -18.15 18.03
N THR E 72 5.46 -18.56 17.16
CA THR E 72 5.39 -19.97 16.75
C THR E 72 6.74 -20.43 16.16
N TYR E 73 7.28 -19.63 15.23
CA TYR E 73 8.61 -19.94 14.67
C TYR E 73 9.67 -19.94 15.76
N THR E 74 9.60 -19.00 16.70
CA THR E 74 10.57 -18.90 17.80
C THR E 74 10.52 -20.16 18.66
N GLU E 75 9.32 -20.61 19.01
CA GLU E 75 9.17 -21.84 19.79
C GLU E 75 9.67 -23.04 19.00
N HIS E 76 9.45 -23.09 17.70
CA HIS E 76 9.95 -24.23 16.93
C HIS E 76 11.47 -24.30 16.95
N ALA E 77 12.13 -23.16 16.93
CA ALA E 77 13.57 -23.12 17.06
C ALA E 77 14.03 -23.39 18.49
N LYS E 78 13.09 -23.47 19.43
CA LYS E 78 13.33 -23.59 20.88
C LYS E 78 14.07 -22.38 21.43
N ARG E 79 14.13 -21.32 20.65
CA ARG E 79 14.72 -20.04 21.02
C ARG E 79 13.80 -19.30 21.97
N LYS E 80 14.31 -18.22 22.54
CA LYS E 80 13.51 -17.32 23.35
C LYS E 80 13.49 -15.91 22.78
N THR E 81 14.57 -15.45 22.15
CA THR E 81 14.58 -14.15 21.49
C THR E 81 13.88 -14.27 20.14
N VAL E 82 12.83 -13.48 19.91
CA VAL E 82 12.21 -13.47 18.59
C VAL E 82 13.16 -12.75 17.63
N THR E 83 13.66 -13.48 16.64
CA THR E 83 14.60 -12.89 15.70
C THR E 83 13.87 -12.15 14.59
N ALA E 84 14.62 -11.29 13.89
CA ALA E 84 14.08 -10.59 12.74
C ALA E 84 13.68 -11.58 11.65
N MET E 85 14.31 -12.75 11.65
CA MET E 85 13.90 -13.83 10.74
C MET E 85 12.52 -14.37 11.14
N ASP E 86 12.31 -14.62 12.42
CA ASP E 86 10.99 -15.09 12.88
C ASP E 86 9.89 -14.11 12.46
N VAL E 87 10.20 -12.82 12.48
CA VAL E 87 9.25 -11.80 12.03
C VAL E 87 9.09 -11.83 10.51
N VAL E 88 10.20 -11.85 9.77
CA VAL E 88 10.10 -11.84 8.31
C VAL E 88 9.39 -13.10 7.83
N TYR E 89 9.63 -14.24 8.47
CA TYR E 89 8.93 -15.48 8.15
C TYR E 89 7.45 -15.38 8.48
N ALA E 90 7.10 -14.82 9.65
CA ALA E 90 5.70 -14.64 10.00
C ALA E 90 4.98 -13.72 9.00
N LEU E 91 5.64 -12.65 8.58
CA LEU E 91 5.06 -11.72 7.61
C LEU E 91 4.92 -12.39 6.23
N LYS E 92 5.92 -13.19 5.85
CA LYS E 92 5.90 -13.92 4.58
C LYS E 92 4.77 -14.94 4.60
N ARG E 93 4.57 -15.59 5.75
CA ARG E 93 3.46 -16.52 5.92
C ARG E 93 2.15 -15.78 5.77
N GLN E 94 2.04 -14.59 6.35
CA GLN E 94 0.86 -13.75 6.22
C GLN E 94 0.66 -13.23 4.80
N GLY E 95 1.61 -13.44 3.91
CA GLY E 95 1.51 -12.97 2.54
C GLY E 95 2.01 -11.57 2.30
N ARG E 96 2.74 -11.00 3.25
CA ARG E 96 3.27 -9.64 3.15
C ARG E 96 4.79 -9.75 3.30
N THR E 97 5.47 -9.99 2.17
CA THR E 97 6.93 -10.15 2.19
C THR E 97 7.59 -8.83 2.56
N LEU E 98 8.58 -8.89 3.44
CA LEU E 98 9.32 -7.70 3.89
C LEU E 98 10.78 -7.78 3.47
N TYR E 99 11.25 -6.74 2.76
CA TYR E 99 12.64 -6.64 2.34
C TYR E 99 13.42 -5.67 3.21
N GLY E 100 14.64 -6.05 3.56
CA GLY E 100 15.51 -5.22 4.37
C GLY E 100 16.10 -5.90 5.60
N PHE E 101 15.39 -6.91 6.12
CA PHE E 101 15.83 -7.64 7.30
C PHE E 101 16.22 -9.08 7.02
N GLY E 102 15.98 -9.59 5.82
CA GLY E 102 16.28 -10.98 5.51
C GLY E 102 17.71 -11.21 5.04
N ALA F 20 0.39 -58.46 10.41
CA ALA F 20 1.02 -57.25 9.81
C ALA F 20 0.04 -56.06 9.87
N LYS F 21 -0.09 -55.47 11.06
CA LYS F 21 -0.97 -54.33 11.24
C LYS F 21 -0.43 -53.11 10.50
N THR F 22 -1.25 -52.52 9.64
CA THR F 22 -0.82 -51.33 8.92
C THR F 22 -0.54 -50.21 9.92
N ARG F 23 0.28 -49.26 9.48
CA ARG F 23 0.60 -48.10 10.32
C ARG F 23 -0.67 -47.37 10.71
N SER F 24 -1.61 -47.25 9.78
CA SER F 24 -2.89 -46.62 10.09
C SER F 24 -3.59 -47.35 11.23
N SER F 25 -3.57 -48.69 11.21
CA SER F 25 -4.17 -49.48 12.28
C SER F 25 -3.44 -49.22 13.60
N ARG F 26 -2.12 -49.30 13.56
CA ARG F 26 -1.28 -49.07 14.73
C ARG F 26 -1.51 -47.69 15.32
N ALA F 27 -1.78 -46.69 14.48
CA ALA F 27 -2.07 -45.33 14.92
C ALA F 27 -3.54 -45.12 15.27
N GLY F 28 -4.41 -46.08 14.95
CA GLY F 28 -5.84 -45.97 15.20
C GLY F 28 -6.56 -44.98 14.32
N LEU F 29 -6.00 -44.67 13.17
CA LEU F 29 -6.56 -43.76 12.19
C LEU F 29 -7.29 -44.50 11.08
N GLN F 30 -8.11 -43.77 10.33
CA GLN F 30 -8.73 -44.29 9.13
C GLN F 30 -7.92 -43.89 7.89
N PHE F 31 -7.28 -42.72 7.93
CA PHE F 31 -6.47 -42.21 6.83
C PHE F 31 -5.21 -43.05 6.59
N PRO F 32 -4.67 -42.98 5.36
CA PRO F 32 -3.53 -43.80 4.93
C PRO F 32 -2.15 -43.27 5.26
N VAL F 33 -1.65 -43.62 6.45
CA VAL F 33 -0.32 -43.19 6.90
C VAL F 33 0.74 -43.62 5.90
N GLY F 34 0.60 -44.80 5.29
CA GLY F 34 1.57 -45.25 4.31
C GLY F 34 1.65 -44.33 3.11
N ARG F 35 0.50 -43.95 2.57
CA ARG F 35 0.45 -43.03 1.42
C ARG F 35 0.97 -41.65 1.80
N VAL F 36 0.60 -41.16 2.99
CA VAL F 36 1.10 -39.87 3.46
C VAL F 36 2.63 -39.90 3.55
N HIS F 37 3.19 -41.02 4.01
CA HIS F 37 4.65 -41.18 4.08
C HIS F 37 5.27 -41.18 2.69
N ARG F 38 4.65 -41.87 1.74
CA ARG F 38 5.15 -41.87 0.36
C ARG F 38 5.18 -40.45 -0.19
N LEU F 39 4.07 -39.73 -0.07
CA LEU F 39 3.99 -38.38 -0.61
C LEU F 39 4.95 -37.43 0.11
N LEU F 40 5.12 -37.56 1.43
CA LEU F 40 6.09 -36.73 2.12
C LEU F 40 7.51 -36.99 1.62
N ARG F 41 7.84 -38.25 1.32
CA ARG F 41 9.18 -38.59 0.81
C ARG F 41 9.39 -38.19 -0.65
N LYS F 42 8.41 -38.42 -1.53
CA LYS F 42 8.53 -38.16 -2.97
C LYS F 42 8.02 -36.78 -3.40
N GLY F 43 7.44 -36.01 -2.51
CA GLY F 43 7.06 -34.65 -2.84
C GLY F 43 8.21 -33.67 -2.73
N ASN F 44 9.39 -34.18 -2.34
CA ASN F 44 10.61 -33.39 -2.12
C ASN F 44 10.41 -32.26 -1.11
N TYR F 45 9.72 -32.57 -0.02
CA TYR F 45 9.55 -31.59 1.04
C TYR F 45 10.83 -31.48 1.86
N SER F 46 11.55 -32.58 2.03
CA SER F 46 12.78 -32.57 2.80
C SER F 46 13.61 -33.78 2.40
N GLU F 47 14.88 -33.77 2.80
CA GLU F 47 15.76 -34.90 2.48
C GLU F 47 15.38 -36.16 3.25
N ARG F 48 14.89 -36.03 4.49
CA ARG F 48 14.47 -37.15 5.30
C ARG F 48 13.09 -36.88 5.89
N VAL F 49 12.35 -37.95 6.17
CA VAL F 49 11.02 -37.87 6.75
C VAL F 49 10.93 -38.80 7.96
N GLY F 50 10.68 -38.21 9.13
CA GLY F 50 10.59 -39.01 10.35
C GLY F 50 9.35 -39.88 10.38
N ALA F 51 9.43 -40.97 11.14
CA ALA F 51 8.33 -41.93 11.23
C ALA F 51 7.07 -41.32 11.83
N GLY F 52 7.22 -40.37 12.77
CA GLY F 52 6.06 -39.74 13.37
C GLY F 52 5.41 -38.65 12.52
N ALA F 53 6.13 -38.15 11.52
CA ALA F 53 5.57 -37.11 10.65
C ALA F 53 4.34 -37.56 9.87
N PRO F 54 4.37 -38.68 9.13
CA PRO F 54 3.16 -39.09 8.40
C PRO F 54 2.01 -39.47 9.31
N VAL F 55 2.29 -40.00 10.50
CA VAL F 55 1.23 -40.34 11.45
C VAL F 55 0.50 -39.07 11.90
N TYR F 56 1.27 -38.08 12.36
CA TYR F 56 0.71 -36.81 12.82
C TYR F 56 -0.03 -36.09 11.68
N LEU F 57 0.57 -36.05 10.49
CA LEU F 57 -0.06 -35.38 9.36
C LEU F 57 -1.36 -36.09 8.97
N ALA F 58 -1.33 -37.43 8.87
CA ALA F 58 -2.54 -38.17 8.54
C ALA F 58 -3.62 -37.87 9.57
N ALA F 59 -3.26 -37.85 10.86
CA ALA F 59 -4.23 -37.57 11.92
C ALA F 59 -4.85 -36.18 11.77
N VAL F 60 -4.07 -35.19 11.32
CA VAL F 60 -4.62 -33.85 11.12
C VAL F 60 -5.52 -33.81 9.88
N LEU F 61 -5.08 -34.44 8.79
CA LEU F 61 -5.93 -34.47 7.62
C LEU F 61 -7.26 -35.15 7.98
N GLU F 62 -7.20 -36.23 8.77
CA GLU F 62 -8.38 -36.93 9.25
C GLU F 62 -9.27 -36.01 10.07
N TYR F 63 -8.68 -35.27 10.98
CA TYR F 63 -9.48 -34.36 11.77
C TYR F 63 -10.22 -33.34 10.91
N LEU F 64 -9.51 -32.68 9.99
CA LEU F 64 -10.20 -31.69 9.16
C LEU F 64 -11.25 -32.33 8.24
N THR F 65 -11.03 -33.58 7.82
CA THR F 65 -12.01 -34.30 7.02
C THR F 65 -13.25 -34.61 7.82
N ALA F 66 -13.07 -35.02 9.08
CA ALA F 66 -14.18 -35.29 9.98
C ALA F 66 -14.94 -34.01 10.28
N GLU F 67 -14.24 -32.92 10.53
CA GLU F 67 -14.89 -31.63 10.83
C GLU F 67 -15.78 -31.17 9.67
N ILE F 68 -15.22 -31.13 8.45
CA ILE F 68 -16.03 -30.71 7.31
C ILE F 68 -17.17 -31.68 7.04
N LEU F 69 -16.96 -32.99 7.21
CA LEU F 69 -18.06 -33.92 6.96
C LEU F 69 -19.12 -33.84 8.06
N GLU F 70 -18.74 -33.50 9.29
CA GLU F 70 -19.68 -33.27 10.37
C GLU F 70 -20.65 -32.16 9.98
N LEU F 71 -20.09 -31.01 9.61
CA LEU F 71 -20.89 -29.84 9.23
C LEU F 71 -21.64 -30.07 7.92
N ALA F 72 -21.05 -30.77 6.95
CA ALA F 72 -21.72 -31.05 5.69
C ALA F 72 -22.89 -32.03 5.89
N GLY F 73 -22.73 -33.05 6.75
CA GLY F 73 -23.83 -33.96 7.02
C GLY F 73 -24.96 -33.22 7.73
N ASN F 74 -24.61 -32.33 8.66
CA ASN F 74 -25.64 -31.52 9.33
C ASN F 74 -26.39 -30.68 8.31
N ALA F 75 -25.66 -30.03 7.39
CA ALA F 75 -26.30 -29.24 6.34
C ALA F 75 -27.17 -30.14 5.44
N ALA F 76 -26.75 -31.38 5.21
CA ALA F 76 -27.53 -32.30 4.38
C ALA F 76 -28.87 -32.57 5.06
N ARG F 77 -28.85 -32.84 6.36
CA ARG F 77 -30.09 -33.02 7.12
C ARG F 77 -30.93 -31.74 7.09
N ASP F 78 -30.31 -30.57 7.22
CA ASP F 78 -31.06 -29.31 7.19
C ASP F 78 -31.73 -29.10 5.83
N ASN F 79 -31.19 -29.69 4.76
CA ASN F 79 -31.79 -29.61 3.43
C ASN F 79 -32.60 -30.87 3.12
N LYS F 80 -32.70 -31.79 4.09
CA LYS F 80 -33.41 -33.05 3.98
C LYS F 80 -32.93 -33.96 2.84
N LYS F 81 -31.61 -33.92 2.60
CA LYS F 81 -30.97 -34.76 1.60
C LYS F 81 -30.13 -35.82 2.32
N THR F 82 -30.15 -37.03 1.76
CA THR F 82 -29.39 -38.17 2.28
C THR F 82 -27.93 -38.14 1.86
N ARG F 83 -27.60 -37.41 0.79
CA ARG F 83 -26.24 -37.35 0.28
C ARG F 83 -25.67 -35.94 0.41
N ILE F 84 -24.36 -35.87 0.57
CA ILE F 84 -23.63 -34.62 0.61
C ILE F 84 -23.24 -34.22 -0.81
N ILE F 85 -23.79 -33.10 -1.27
CA ILE F 85 -23.45 -32.53 -2.57
C ILE F 85 -22.56 -31.32 -2.34
N PRO F 86 -21.91 -30.78 -3.38
CA PRO F 86 -21.02 -29.62 -3.21
C PRO F 86 -21.65 -28.46 -2.44
N ARG F 87 -22.96 -28.26 -2.55
CA ARG F 87 -23.60 -27.19 -1.79
C ARG F 87 -23.47 -27.41 -0.28
N HIS F 88 -23.58 -28.63 0.20
CA HIS F 88 -23.44 -28.86 1.63
C HIS F 88 -22.02 -28.58 2.10
N LEU F 89 -21.03 -28.82 1.24
CA LEU F 89 -19.65 -28.50 1.59
C LEU F 89 -19.49 -26.99 1.66
N GLN F 90 -20.06 -26.27 0.68
CA GLN F 90 -20.01 -24.81 0.68
C GLN F 90 -20.70 -24.22 1.91
N LEU F 91 -21.87 -24.75 2.28
CA LEU F 91 -22.60 -24.23 3.44
C LEU F 91 -21.94 -24.63 4.75
N ALA F 92 -21.13 -25.68 4.74
CA ALA F 92 -20.33 -26.04 5.91
C ALA F 92 -19.18 -25.05 6.06
N ILE F 93 -18.36 -24.93 5.01
CA ILE F 93 -17.15 -24.11 4.99
C ILE F 93 -17.44 -22.62 5.19
N ARG F 94 -18.46 -22.07 4.53
CA ARG F 94 -18.75 -20.64 4.66
C ARG F 94 -19.47 -20.24 5.95
N ASN F 95 -20.20 -21.13 6.61
CA ASN F 95 -20.85 -20.73 7.85
C ASN F 95 -19.88 -20.76 9.04
N ASP F 96 -19.08 -21.82 9.17
CA ASP F 96 -18.14 -21.92 10.29
C ASP F 96 -16.98 -20.93 10.12
N GLU F 97 -16.80 -20.07 11.13
CA GLU F 97 -15.75 -19.03 11.14
C GLU F 97 -14.33 -19.56 10.96
N GLU F 98 -14.03 -20.75 11.49
CA GLU F 98 -12.65 -21.25 11.40
C GLU F 98 -12.40 -21.97 10.07
N LEU F 99 -13.33 -22.77 9.59
CA LEU F 99 -13.16 -23.37 8.27
C LEU F 99 -13.22 -22.26 7.21
N ASN F 100 -14.06 -21.25 7.43
CA ASN F 100 -14.16 -20.12 6.51
C ASN F 100 -12.85 -19.36 6.45
N LYS F 101 -12.18 -19.14 7.59
CA LYS F 101 -10.89 -18.45 7.55
C LYS F 101 -9.83 -19.33 6.89
N LEU F 102 -9.82 -20.62 7.23
CA LEU F 102 -8.88 -21.57 6.61
C LEU F 102 -9.02 -21.64 5.08
N LEU F 103 -10.26 -21.56 4.57
CA LEU F 103 -10.54 -21.72 3.14
C LEU F 103 -11.06 -20.44 2.46
N GLY F 104 -10.76 -19.26 3.01
CA GLY F 104 -11.28 -18.02 2.45
C GLY F 104 -10.93 -17.74 0.99
N ARG F 105 -9.82 -18.29 0.49
CA ARG F 105 -9.42 -18.09 -0.90
C ARG F 105 -9.90 -19.21 -1.85
N VAL F 106 -10.53 -20.26 -1.33
CA VAL F 106 -11.00 -21.39 -2.14
C VAL F 106 -12.35 -21.14 -2.81
N THR F 107 -12.44 -21.59 -4.07
CA THR F 107 -13.66 -21.61 -4.87
C THR F 107 -14.12 -23.06 -4.89
N ILE F 108 -15.40 -23.31 -4.61
CA ILE F 108 -15.95 -24.66 -4.63
C ILE F 108 -16.86 -24.83 -5.85
N ALA F 109 -16.51 -25.77 -6.72
CA ALA F 109 -17.26 -26.01 -7.94
C ALA F 109 -18.67 -26.49 -7.60
N GLN F 110 -19.66 -26.04 -8.39
CA GLN F 110 -21.07 -26.37 -8.16
C GLN F 110 -21.54 -25.97 -6.76
N GLY F 111 -20.77 -25.12 -6.07
CA GLY F 111 -21.05 -24.75 -4.69
C GLY F 111 -21.99 -23.59 -4.38
N GLY F 112 -22.17 -22.65 -5.32
CA GLY F 112 -23.00 -21.48 -5.11
C GLY F 112 -22.47 -20.59 -3.98
N VAL F 113 -23.36 -19.84 -3.34
CA VAL F 113 -22.97 -18.92 -2.26
C VAL F 113 -23.99 -18.94 -1.13
N LEU F 114 -23.59 -18.37 0.01
CA LEU F 114 -24.48 -18.21 1.15
C LEU F 114 -25.60 -17.21 0.85
N PRO F 115 -26.84 -17.52 1.21
CA PRO F 115 -27.92 -16.54 1.04
C PRO F 115 -27.62 -15.31 1.89
N ASN F 116 -27.50 -14.13 1.25
CA ASN F 116 -27.18 -12.92 2.01
C ASN F 116 -27.66 -11.69 1.27
N ILE F 117 -28.64 -11.00 1.85
CA ILE F 117 -29.23 -9.78 1.30
C ILE F 117 -28.92 -8.65 2.28
N GLN F 118 -28.21 -7.62 1.82
CA GLN F 118 -27.86 -6.51 2.71
C GLN F 118 -29.11 -5.77 3.19
N ALA F 119 -29.06 -5.34 4.45
CA ALA F 119 -30.20 -4.70 5.11
C ALA F 119 -30.79 -3.51 4.34
N VAL F 120 -29.93 -2.65 3.78
CA VAL F 120 -30.45 -1.50 3.03
C VAL F 120 -31.21 -1.85 1.75
N LEU F 121 -31.04 -3.07 1.22
CA LEU F 121 -31.72 -3.42 -0.03
C LEU F 121 -33.18 -3.83 0.15
N LEU F 122 -33.48 -4.67 1.13
CA LEU F 122 -34.85 -5.08 1.37
C LEU F 122 -35.69 -3.91 1.90
N PRO F 123 -37.04 -4.01 1.77
CA PRO F 123 -37.91 -2.91 2.17
C PRO F 123 -38.08 -2.77 3.68
N SER G 33 -3.98 -46.49 -15.98
CA SER G 33 -3.16 -46.95 -14.81
C SER G 33 -3.77 -46.43 -13.50
N ARG G 34 -3.54 -47.20 -12.43
CA ARG G 34 -4.09 -46.89 -11.11
C ARG G 34 -3.75 -45.48 -10.66
N LYS G 35 -4.80 -44.71 -10.34
CA LYS G 35 -4.69 -43.31 -9.91
C LYS G 35 -4.97 -43.18 -8.41
N GLU G 36 -4.14 -42.37 -7.74
CA GLU G 36 -4.34 -42.08 -6.32
C GLU G 36 -5.65 -41.36 -6.05
N SER G 37 -6.34 -41.76 -4.97
CA SER G 37 -7.54 -41.05 -4.55
C SER G 37 -7.76 -41.28 -3.04
N TYR G 38 -8.33 -40.26 -2.38
CA TYR G 38 -8.68 -40.37 -0.96
C TYR G 38 -10.09 -40.90 -0.72
N SER G 39 -10.81 -41.24 -1.79
CA SER G 39 -12.21 -41.68 -1.72
C SER G 39 -12.57 -42.65 -0.59
N VAL G 40 -11.83 -43.76 -0.49
CA VAL G 40 -12.10 -44.77 0.54
C VAL G 40 -11.89 -44.23 1.96
N TYR G 41 -10.92 -43.33 2.15
CA TYR G 41 -10.67 -42.79 3.49
C TYR G 41 -11.69 -41.69 3.82
N VAL G 42 -11.99 -40.83 2.85
CA VAL G 42 -13.01 -39.82 3.01
C VAL G 42 -14.33 -40.49 3.39
N TYR G 43 -14.66 -41.57 2.67
CA TYR G 43 -15.86 -42.36 2.91
C TYR G 43 -15.83 -43.04 4.28
N LYS G 44 -14.69 -43.61 4.69
CA LYS G 44 -14.59 -44.21 6.03
C LYS G 44 -14.85 -43.17 7.12
N VAL G 45 -14.28 -41.98 6.99
CA VAL G 45 -14.52 -40.93 7.98
C VAL G 45 -15.99 -40.52 7.93
N LEU G 46 -16.56 -40.39 6.72
CA LEU G 46 -17.97 -40.08 6.61
C LEU G 46 -18.81 -41.10 7.36
N LYS G 47 -18.55 -42.39 7.13
CA LYS G 47 -19.30 -43.45 7.82
C LYS G 47 -19.02 -43.50 9.32
N GLN G 48 -18.04 -42.72 9.80
CA GLN G 48 -17.85 -42.60 11.25
C GLN G 48 -18.61 -41.42 11.83
N VAL G 49 -18.64 -40.30 11.12
CA VAL G 49 -19.27 -39.09 11.65
C VAL G 49 -20.77 -39.01 11.33
N HIS G 50 -21.21 -39.55 10.19
CA HIS G 50 -22.62 -39.62 9.83
C HIS G 50 -22.87 -40.95 9.12
N PRO G 51 -22.99 -42.04 9.90
CA PRO G 51 -23.15 -43.36 9.29
C PRO G 51 -24.33 -43.49 8.34
N ASP G 52 -25.43 -42.80 8.59
CA ASP G 52 -26.59 -42.87 7.68
C ASP G 52 -26.61 -41.70 6.71
N THR G 53 -25.48 -41.47 6.03
CA THR G 53 -25.35 -40.40 5.06
C THR G 53 -24.37 -40.82 3.98
N GLY G 54 -24.56 -40.30 2.76
CA GLY G 54 -23.71 -40.59 1.63
C GLY G 54 -23.06 -39.34 1.07
N ILE G 55 -22.31 -39.52 -0.02
CA ILE G 55 -21.63 -38.40 -0.66
C ILE G 55 -21.48 -38.62 -2.17
N SER G 56 -21.93 -37.64 -2.95
CA SER G 56 -21.85 -37.67 -4.42
C SER G 56 -20.40 -37.55 -4.87
N SER G 57 -20.12 -38.01 -6.11
CA SER G 57 -18.75 -37.93 -6.63
C SER G 57 -18.28 -36.49 -6.85
N LYS G 58 -19.18 -35.54 -7.13
CA LYS G 58 -18.72 -34.16 -7.20
C LYS G 58 -18.19 -33.71 -5.84
N ALA G 59 -18.93 -34.06 -4.78
CA ALA G 59 -18.50 -33.73 -3.43
C ALA G 59 -17.23 -34.50 -3.09
N MET G 60 -17.12 -35.75 -3.52
CA MET G 60 -15.91 -36.53 -3.31
C MET G 60 -14.73 -35.84 -4.01
N GLY G 61 -14.95 -35.33 -5.21
CA GLY G 61 -13.92 -34.62 -5.95
C GLY G 61 -13.45 -33.40 -5.19
N ILE G 62 -14.39 -32.70 -4.54
CA ILE G 62 -14.05 -31.55 -3.71
C ILE G 62 -13.26 -32.01 -2.49
N MET G 63 -13.71 -33.09 -1.84
CA MET G 63 -12.99 -33.64 -0.69
C MET G 63 -11.56 -34.01 -1.09
N ASN G 64 -11.38 -34.64 -2.25
CA ASN G 64 -10.03 -34.94 -2.75
C ASN G 64 -9.23 -33.65 -2.88
N SER G 65 -9.80 -32.65 -3.55
CA SER G 65 -9.13 -31.37 -3.76
C SER G 65 -8.71 -30.75 -2.43
N PHE G 66 -9.59 -30.79 -1.44
CA PHE G 66 -9.35 -30.26 -0.10
C PHE G 66 -8.23 -31.03 0.62
N VAL G 67 -8.30 -32.35 0.64
CA VAL G 67 -7.26 -33.15 1.32
C VAL G 67 -5.91 -32.96 0.62
N ASN G 68 -5.87 -32.98 -0.71
CA ASN G 68 -4.64 -32.74 -1.46
C ASN G 68 -4.08 -31.34 -1.18
N ASP G 69 -4.92 -30.32 -1.23
CA ASP G 69 -4.51 -28.94 -0.99
C ASP G 69 -3.97 -28.75 0.42
N ILE G 70 -4.73 -29.17 1.44
CA ILE G 70 -4.28 -29.03 2.82
C ILE G 70 -3.02 -29.86 3.06
N PHE G 71 -2.93 -31.03 2.45
CA PHE G 71 -1.70 -31.83 2.55
C PHE G 71 -0.50 -31.02 2.06
N GLU G 72 -0.60 -30.47 0.85
CA GLU G 72 0.48 -29.66 0.30
C GLU G 72 0.74 -28.39 1.12
N ARG G 73 -0.28 -27.79 1.74
CA ARG G 73 -0.05 -26.61 2.59
C ARG G 73 0.72 -26.98 3.86
N ILE G 74 0.32 -28.06 4.53
CA ILE G 74 1.00 -28.47 5.76
C ILE G 74 2.40 -28.96 5.45
N ALA G 75 2.55 -29.83 4.44
CA ALA G 75 3.87 -30.33 4.06
C ALA G 75 4.76 -29.19 3.55
N GLY G 76 4.19 -28.22 2.84
CA GLY G 76 4.96 -27.07 2.37
C GLY G 76 5.49 -26.23 3.51
N GLU G 77 4.66 -26.01 4.53
CA GLU G 77 5.13 -25.26 5.69
C GLU G 77 6.10 -26.09 6.53
N ALA G 78 5.89 -27.40 6.65
CA ALA G 78 6.83 -28.23 7.39
C ALA G 78 8.19 -28.20 6.67
N SER G 79 8.17 -28.22 5.33
CA SER G 79 9.38 -28.10 4.52
C SER G 79 10.10 -26.80 4.82
N ARG G 80 9.36 -25.70 4.76
CA ARG G 80 9.89 -24.37 5.04
C ARG G 80 10.46 -24.28 6.45
N LEU G 81 9.75 -24.83 7.44
CA LEU G 81 10.27 -24.86 8.82
C LEU G 81 11.58 -25.65 8.91
N ALA G 82 11.66 -26.80 8.22
CA ALA G 82 12.89 -27.58 8.24
C ALA G 82 14.03 -26.76 7.65
N HIS G 83 13.76 -26.11 6.52
CA HIS G 83 14.75 -25.25 5.86
C HIS G 83 15.21 -24.11 6.77
N TYR G 84 14.29 -23.48 7.50
CA TYR G 84 14.66 -22.38 8.40
C TYR G 84 15.49 -22.84 9.59
N ASN G 85 15.15 -23.96 10.22
CA ASN G 85 15.94 -24.49 11.32
C ASN G 85 17.23 -25.17 10.83
N LYS G 86 17.42 -25.27 9.52
CA LYS G 86 18.54 -25.97 8.91
C LYS G 86 18.59 -27.42 9.40
N ARG G 87 17.47 -28.10 9.16
CA ARG G 87 17.25 -29.51 9.50
C ARG G 87 16.94 -30.27 8.22
N SER G 88 17.43 -31.49 8.12
CA SER G 88 17.12 -32.32 6.96
C SER G 88 15.88 -33.17 7.10
N THR G 89 15.41 -33.42 8.33
CA THR G 89 14.26 -34.29 8.58
C THR G 89 13.01 -33.54 9.01
N ILE G 90 11.90 -33.77 8.30
CA ILE G 90 10.61 -33.28 8.78
C ILE G 90 10.16 -34.28 9.85
N THR G 91 10.06 -33.84 11.10
CA THR G 91 9.61 -34.74 12.16
C THR G 91 8.16 -34.43 12.53
N SER G 92 7.63 -35.23 13.45
CA SER G 92 6.29 -34.99 13.98
C SER G 92 6.13 -33.57 14.51
N ARG G 93 7.24 -32.96 14.96
CA ARG G 93 7.22 -31.60 15.49
C ARG G 93 7.16 -30.57 14.36
N GLU G 94 7.84 -30.81 13.23
CA GLU G 94 7.69 -29.88 12.12
C GLU G 94 6.23 -29.86 11.66
N ILE G 95 5.61 -31.03 11.57
CA ILE G 95 4.18 -31.10 11.21
C ILE G 95 3.36 -30.33 12.23
N GLN G 96 3.61 -30.56 13.52
CA GLN G 96 2.87 -29.86 14.57
C GLN G 96 2.95 -28.34 14.41
N THR G 97 4.15 -27.79 14.25
CA THR G 97 4.29 -26.34 14.08
C THR G 97 3.65 -25.87 12.77
N ALA G 98 3.79 -26.63 11.68
CA ALA G 98 3.16 -26.25 10.43
C ALA G 98 1.65 -26.15 10.60
N VAL G 99 1.06 -27.15 11.26
CA VAL G 99 -0.38 -27.18 11.54
C VAL G 99 -0.79 -25.99 12.41
N ARG G 100 0.02 -25.65 13.41
CA ARG G 100 -0.28 -24.50 14.26
C ARG G 100 -0.21 -23.19 13.50
N LEU G 101 0.79 -23.01 12.64
CA LEU G 101 0.91 -21.79 11.84
C LEU G 101 -0.23 -21.69 10.82
N LEU G 102 -0.63 -22.82 10.24
CA LEU G 102 -1.64 -22.85 9.19
C LEU G 102 -3.07 -22.78 9.69
N LEU G 103 -3.42 -23.55 10.69
CA LEU G 103 -4.82 -23.53 11.12
C LEU G 103 -5.15 -22.33 12.02
N PRO G 104 -6.36 -21.77 11.86
CA PRO G 104 -6.83 -20.68 12.70
C PRO G 104 -7.58 -21.15 13.94
N GLY G 105 -7.65 -20.27 14.93
CA GLY G 105 -8.47 -20.46 16.11
C GLY G 105 -8.30 -21.77 16.85
N GLU G 106 -9.41 -22.20 17.46
CA GLU G 106 -9.48 -23.44 18.24
C GLU G 106 -9.31 -24.67 17.37
N LEU G 107 -9.65 -24.57 16.08
CA LEU G 107 -9.43 -25.66 15.14
C LEU G 107 -7.98 -26.15 15.21
N ALA G 108 -7.04 -25.23 15.42
CA ALA G 108 -5.63 -25.59 15.57
C ALA G 108 -5.40 -26.43 16.83
N LYS G 109 -6.07 -26.10 17.93
CA LYS G 109 -5.91 -26.86 19.17
C LYS G 109 -6.41 -28.29 18.99
N HIS G 110 -7.57 -28.46 18.36
CA HIS G 110 -8.13 -29.77 18.07
C HIS G 110 -7.20 -30.58 17.16
N ALA G 111 -6.75 -29.98 16.06
CA ALA G 111 -5.85 -30.66 15.13
C ALA G 111 -4.57 -31.11 15.84
N VAL G 112 -3.96 -30.24 16.64
CA VAL G 112 -2.75 -30.60 17.38
C VAL G 112 -3.03 -31.72 18.38
N SER G 113 -4.23 -31.73 18.97
CA SER G 113 -4.62 -32.80 19.89
C SER G 113 -4.73 -34.13 19.15
N GLU G 114 -5.46 -34.16 18.04
CA GLU G 114 -5.62 -35.39 17.26
C GLU G 114 -4.26 -35.90 16.77
N GLY G 115 -3.38 -34.98 16.34
CA GLY G 115 -2.04 -35.39 15.93
C GLY G 115 -1.28 -36.05 17.06
N THR G 116 -1.26 -35.40 18.24
CA THR G 116 -0.57 -35.97 19.40
C THR G 116 -1.18 -37.32 19.80
N LYS G 117 -2.51 -37.43 19.76
CA LYS G 117 -3.21 -38.67 20.14
C LYS G 117 -2.83 -39.83 19.22
N ALA G 118 -2.75 -39.57 17.92
CA ALA G 118 -2.35 -40.61 16.98
C ALA G 118 -0.87 -40.96 17.16
N VAL G 119 -0.01 -39.95 17.32
CA VAL G 119 1.41 -40.23 17.52
C VAL G 119 1.61 -41.01 18.81
N THR G 120 0.81 -40.76 19.84
CA THR G 120 0.90 -41.50 21.10
C THR G 120 0.58 -42.98 20.85
N LYS G 121 -0.55 -43.26 20.22
CA LYS G 121 -0.87 -44.66 19.92
C LYS G 121 0.23 -45.29 19.05
N TYR G 122 0.70 -44.58 18.02
CA TYR G 122 1.75 -45.14 17.16
C TYR G 122 3.05 -45.39 17.92
N THR G 123 3.36 -44.58 18.95
CA THR G 123 4.59 -44.81 19.71
C THR G 123 4.55 -46.12 20.49
N SER G 124 3.38 -46.59 20.88
CA SER G 124 3.27 -47.85 21.61
C SER G 124 2.87 -49.00 20.68
N ASP H 25 -14.94 -11.92 -32.52
CA ASP H 25 -15.54 -11.32 -31.29
C ASP H 25 -16.56 -12.26 -30.64
N ASN H 26 -16.34 -12.56 -29.35
CA ASN H 26 -17.26 -13.39 -28.57
C ASN H 26 -17.58 -12.84 -27.19
N ILE H 27 -16.93 -11.75 -26.74
CA ILE H 27 -17.18 -11.24 -25.40
C ILE H 27 -18.62 -10.73 -25.26
N GLN H 28 -19.25 -10.28 -26.34
CA GLN H 28 -20.65 -9.88 -26.28
C GLN H 28 -21.55 -11.06 -25.95
N GLY H 29 -21.05 -12.29 -26.10
CA GLY H 29 -21.81 -13.48 -25.76
C GLY H 29 -22.10 -13.57 -24.27
N ILE H 30 -21.37 -12.80 -23.45
CA ILE H 30 -21.64 -12.66 -22.03
C ILE H 30 -22.77 -11.63 -21.97
N THR H 31 -23.99 -12.13 -22.16
CA THR H 31 -25.20 -11.34 -22.28
C THR H 31 -25.54 -10.54 -21.03
N LYS H 32 -26.32 -9.48 -21.26
CA LYS H 32 -26.83 -8.60 -20.21
C LYS H 32 -27.58 -9.40 -19.16
N PRO H 33 -28.49 -10.31 -19.52
CA PRO H 33 -29.11 -11.17 -18.51
C PRO H 33 -28.12 -12.00 -17.72
N ALA H 34 -27.07 -12.54 -18.35
CA ALA H 34 -26.09 -13.35 -17.62
C ALA H 34 -25.32 -12.51 -16.59
N ILE H 35 -24.90 -11.30 -16.99
CA ILE H 35 -24.23 -10.40 -16.06
C ILE H 35 -25.18 -10.01 -14.94
N ARG H 36 -26.44 -9.75 -15.28
CA ARG H 36 -27.47 -9.47 -14.29
C ARG H 36 -27.63 -10.63 -13.31
N ARG H 37 -27.71 -11.86 -13.81
CA ARG H 37 -27.85 -13.04 -12.96
C ARG H 37 -26.65 -13.20 -12.02
N LEU H 38 -25.45 -12.88 -12.50
CA LEU H 38 -24.26 -12.91 -11.65
C LEU H 38 -24.37 -11.83 -10.57
N ALA H 39 -24.80 -10.64 -10.94
CA ALA H 39 -25.01 -9.56 -9.99
C ALA H 39 -26.06 -9.96 -8.95
N ARG H 40 -27.16 -10.58 -9.40
CA ARG H 40 -28.20 -11.07 -8.50
C ARG H 40 -27.66 -12.12 -7.54
N ARG H 41 -26.85 -13.07 -8.01
CA ARG H 41 -26.27 -14.02 -7.07
C ARG H 41 -25.39 -13.26 -6.08
N GLY H 42 -24.69 -12.23 -6.57
CA GLY H 42 -23.90 -11.35 -5.74
C GLY H 42 -24.73 -10.43 -4.85
N GLY H 43 -26.06 -10.62 -4.81
CA GLY H 43 -26.92 -9.79 -3.97
C GLY H 43 -27.20 -8.38 -4.42
N VAL H 44 -26.83 -8.03 -5.65
CA VAL H 44 -27.04 -6.68 -6.19
C VAL H 44 -28.51 -6.48 -6.57
N LYS H 45 -29.16 -5.55 -5.85
CA LYS H 45 -30.57 -5.21 -6.09
C LYS H 45 -30.81 -4.40 -7.36
N ARG H 46 -29.88 -3.52 -7.74
CA ARG H 46 -30.08 -2.65 -8.90
C ARG H 46 -28.78 -2.44 -9.63
N ILE H 47 -28.82 -2.43 -10.97
CA ILE H 47 -27.62 -2.39 -11.80
C ILE H 47 -27.69 -1.30 -12.86
N SER H 48 -26.66 -0.44 -12.90
CA SER H 48 -26.56 0.60 -13.90
C SER H 48 -26.29 0.01 -15.28
N GLY H 49 -26.86 0.60 -16.33
CA GLY H 49 -26.67 0.09 -17.68
C GLY H 49 -25.22 0.10 -18.17
N LEU H 50 -24.34 0.83 -17.48
CA LEU H 50 -22.91 0.89 -17.79
C LEU H 50 -22.11 -0.28 -17.22
N ILE H 51 -22.71 -1.02 -16.27
CA ILE H 51 -22.10 -2.18 -15.65
C ILE H 51 -21.78 -3.30 -16.63
N TYR H 52 -22.56 -3.48 -17.69
CA TYR H 52 -22.34 -4.58 -18.61
C TYR H 52 -21.01 -4.51 -19.37
N GLU H 53 -20.68 -3.36 -19.95
CA GLU H 53 -19.40 -3.23 -20.66
C GLU H 53 -18.20 -3.26 -19.70
N GLU H 54 -18.38 -2.80 -18.46
CA GLU H 54 -17.28 -2.86 -17.51
C GLU H 54 -17.09 -4.30 -17.01
N THR H 55 -18.18 -5.02 -16.79
CA THR H 55 -18.07 -6.41 -16.38
C THR H 55 -17.39 -7.22 -17.47
N ARG H 56 -17.70 -6.91 -18.73
CA ARG H 56 -17.04 -7.59 -19.84
C ARG H 56 -15.54 -7.32 -19.81
N GLY H 57 -15.15 -6.06 -19.67
CA GLY H 57 -13.74 -5.71 -19.56
C GLY H 57 -13.01 -6.45 -18.44
N VAL H 58 -13.64 -6.50 -17.26
CA VAL H 58 -13.09 -7.17 -16.07
C VAL H 58 -13.03 -8.70 -16.25
N LEU H 59 -14.08 -9.30 -16.81
CA LEU H 59 -14.07 -10.74 -17.09
C LEU H 59 -12.98 -11.10 -18.09
N LYS H 60 -12.91 -10.38 -19.20
CA LYS H 60 -11.89 -10.66 -20.21
C LYS H 60 -10.48 -10.52 -19.63
N VAL H 61 -10.23 -9.50 -18.80
CA VAL H 61 -8.94 -9.34 -18.12
C VAL H 61 -8.63 -10.53 -17.21
N PHE H 62 -9.61 -10.98 -16.43
CA PHE H 62 -9.42 -12.12 -15.53
C PHE H 62 -9.13 -13.40 -16.33
N LEU H 63 -9.95 -13.69 -17.34
CA LEU H 63 -9.74 -14.91 -18.11
C LEU H 63 -8.42 -14.84 -18.88
N GLU H 64 -8.05 -13.69 -19.44
CA GLU H 64 -6.75 -13.61 -20.10
C GLU H 64 -5.64 -13.98 -19.13
N ASN H 65 -5.70 -13.45 -17.91
CA ASN H 65 -4.68 -13.76 -16.90
C ASN H 65 -4.64 -15.24 -16.55
N VAL H 66 -5.80 -15.90 -16.49
CA VAL H 66 -5.80 -17.35 -16.19
C VAL H 66 -5.39 -18.20 -17.40
N ILE H 67 -5.88 -17.88 -18.59
CA ILE H 67 -5.57 -18.66 -19.80
C ILE H 67 -4.10 -18.51 -20.18
N ARG H 68 -3.51 -17.33 -20.01
CA ARG H 68 -2.09 -17.16 -20.30
C ARG H 68 -1.24 -18.15 -19.51
N ASP H 69 -1.61 -18.40 -18.25
CA ASP H 69 -0.92 -19.36 -17.40
C ASP H 69 -1.31 -20.80 -17.73
N ALA H 70 -2.59 -21.08 -17.95
CA ALA H 70 -3.00 -22.44 -18.29
C ALA H 70 -2.34 -22.86 -19.61
N VAL H 71 -2.27 -21.96 -20.58
CA VAL H 71 -1.58 -22.24 -21.84
C VAL H 71 -0.08 -22.42 -21.58
N THR H 72 0.50 -21.63 -20.67
CA THR H 72 1.92 -21.79 -20.35
C THR H 72 2.17 -23.20 -19.79
N TYR H 73 1.32 -23.67 -18.87
CA TYR H 73 1.46 -25.03 -18.36
C TYR H 73 1.25 -26.06 -19.48
N THR H 74 0.36 -25.77 -20.42
CA THR H 74 0.09 -26.68 -21.54
C THR H 74 1.32 -26.76 -22.44
N GLU H 75 1.85 -25.62 -22.84
CA GLU H 75 3.06 -25.56 -23.64
C GLU H 75 4.23 -26.26 -22.95
N HIS H 76 4.30 -26.20 -21.62
CA HIS H 76 5.40 -26.86 -20.93
C HIS H 76 5.38 -28.37 -21.17
N ALA H 77 4.20 -28.99 -21.04
CA ALA H 77 4.07 -30.41 -21.32
C ALA H 77 4.08 -30.68 -22.82
N LYS H 78 4.20 -29.63 -23.64
CA LYS H 78 4.16 -29.66 -25.10
C LYS H 78 2.86 -30.24 -25.62
N ARG H 79 1.85 -30.30 -24.77
CA ARG H 79 0.55 -30.81 -25.14
C ARG H 79 -0.17 -29.83 -26.06
N LYS H 80 -1.04 -30.36 -26.92
CA LYS H 80 -1.92 -29.53 -27.73
C LYS H 80 -3.24 -29.23 -27.00
N THR H 81 -3.58 -30.03 -25.99
CA THR H 81 -4.84 -29.95 -25.26
C THR H 81 -4.67 -29.39 -23.85
N VAL H 82 -5.43 -28.35 -23.53
CA VAL H 82 -5.49 -27.75 -22.20
C VAL H 82 -6.35 -28.66 -21.32
N THR H 83 -5.78 -29.12 -20.22
CA THR H 83 -6.47 -30.01 -19.30
C THR H 83 -7.08 -29.22 -18.14
N ALA H 84 -7.98 -29.89 -17.44
CA ALA H 84 -8.59 -29.32 -16.24
C ALA H 84 -7.52 -28.98 -15.21
N MET H 85 -6.47 -29.80 -15.13
CA MET H 85 -5.37 -29.54 -14.21
C MET H 85 -4.60 -28.28 -14.59
N ASP H 86 -4.41 -27.99 -15.88
CA ASP H 86 -3.71 -26.76 -16.23
C ASP H 86 -4.50 -25.53 -15.77
N VAL H 87 -5.83 -25.60 -15.88
CA VAL H 87 -6.69 -24.52 -15.41
C VAL H 87 -6.60 -24.41 -13.88
N VAL H 88 -6.72 -25.54 -13.20
CA VAL H 88 -6.60 -25.56 -11.74
C VAL H 88 -5.24 -24.99 -11.32
N TYR H 89 -4.15 -25.42 -11.96
CA TYR H 89 -2.82 -24.95 -11.60
C TYR H 89 -2.69 -23.45 -11.83
N ALA H 90 -3.20 -22.93 -12.95
CA ALA H 90 -3.17 -21.49 -13.19
C ALA H 90 -3.96 -20.72 -12.14
N LEU H 91 -5.06 -21.30 -11.67
CA LEU H 91 -5.86 -20.66 -10.63
C LEU H 91 -5.15 -20.74 -9.28
N LYS H 92 -4.66 -21.91 -8.92
CA LYS H 92 -3.91 -22.06 -7.67
C LYS H 92 -2.73 -21.10 -7.67
N ARG H 93 -2.07 -21.00 -8.83
CA ARG H 93 -0.96 -20.08 -9.00
C ARG H 93 -1.37 -18.65 -8.69
N GLN H 94 -2.56 -18.26 -9.11
CA GLN H 94 -3.07 -16.93 -8.85
C GLN H 94 -3.76 -16.84 -7.49
N GLY H 95 -3.58 -17.85 -6.63
CA GLY H 95 -4.18 -17.92 -5.32
C GLY H 95 -5.65 -18.32 -5.35
N ARG H 96 -6.28 -18.30 -6.51
CA ARG H 96 -7.67 -18.68 -6.71
C ARG H 96 -7.83 -20.20 -6.69
N THR H 97 -7.42 -20.85 -5.60
CA THR H 97 -7.51 -22.30 -5.57
C THR H 97 -8.94 -22.76 -5.81
N LEU H 98 -9.10 -23.61 -6.82
CA LEU H 98 -10.39 -24.17 -7.23
C LEU H 98 -10.50 -25.63 -6.80
N TYR H 99 -11.57 -25.97 -6.07
CA TYR H 99 -11.80 -27.34 -5.65
C TYR H 99 -12.89 -27.98 -6.51
N GLY H 100 -12.69 -29.24 -6.87
CA GLY H 100 -13.65 -30.00 -7.66
C GLY H 100 -13.10 -30.59 -8.94
N PHE H 101 -11.81 -30.41 -9.25
CA PHE H 101 -11.23 -30.92 -10.49
C PHE H 101 -9.91 -31.66 -10.29
N GLY H 102 -9.35 -31.67 -9.10
CA GLY H 102 -8.09 -32.37 -8.85
C GLY H 102 -7.45 -31.97 -7.53
N LYS I 21 39.05 -20.74 -15.03
CA LYS I 21 37.86 -19.86 -15.14
C LYS I 21 36.63 -20.50 -14.53
N THR I 22 35.75 -19.66 -13.97
CA THR I 22 34.51 -20.08 -13.35
C THR I 22 33.36 -20.17 -14.37
N ARG I 23 32.31 -20.89 -13.96
CA ARG I 23 31.13 -21.05 -14.81
C ARG I 23 30.50 -19.70 -15.14
N SER I 24 30.59 -18.74 -14.21
CA SER I 24 30.07 -17.40 -14.46
C SER I 24 30.66 -16.80 -15.73
N SER I 25 31.97 -16.96 -15.93
CA SER I 25 32.60 -16.41 -17.13
C SER I 25 32.09 -17.10 -18.39
N ARG I 26 31.91 -18.42 -18.35
CA ARG I 26 31.37 -19.11 -19.52
C ARG I 26 29.97 -18.62 -19.83
N ALA I 27 29.19 -18.31 -18.80
CA ALA I 27 27.84 -17.80 -19.01
C ALA I 27 27.83 -16.31 -19.34
N GLY I 28 28.94 -15.61 -19.15
CA GLY I 28 28.98 -14.17 -19.38
C GLY I 28 28.18 -13.46 -18.31
N LEU I 29 28.28 -13.94 -17.08
CA LEU I 29 27.53 -13.44 -15.95
C LEU I 29 28.44 -13.06 -14.79
N GLN I 30 27.97 -12.11 -13.99
CA GLN I 30 28.61 -11.72 -12.74
C GLN I 30 28.12 -12.60 -11.59
N PHE I 31 26.88 -13.08 -11.69
CA PHE I 31 26.26 -13.89 -10.65
C PHE I 31 26.92 -15.25 -10.46
N PRO I 32 26.88 -15.79 -9.23
CA PRO I 32 27.55 -17.04 -8.89
C PRO I 32 26.80 -18.31 -9.28
N VAL I 33 26.99 -18.76 -10.52
CA VAL I 33 26.36 -19.98 -11.00
C VAL I 33 26.65 -21.15 -10.05
N GLY I 34 27.86 -21.20 -9.50
CA GLY I 34 28.19 -22.24 -8.54
C GLY I 34 27.25 -22.27 -7.35
N ARG I 35 26.99 -21.09 -6.76
CA ARG I 35 26.08 -21.00 -5.62
C ARG I 35 24.64 -21.30 -6.01
N VAL I 36 24.17 -20.76 -7.14
CA VAL I 36 22.81 -21.04 -7.60
C VAL I 36 22.63 -22.55 -7.78
N HIS I 37 23.57 -23.20 -8.47
CA HIS I 37 23.53 -24.64 -8.70
C HIS I 37 23.52 -25.41 -7.37
N ARG I 38 24.40 -25.01 -6.45
CA ARG I 38 24.47 -25.61 -5.12
C ARG I 38 23.14 -25.47 -4.36
N LEU I 39 22.53 -24.29 -4.41
CA LEU I 39 21.27 -24.04 -3.73
C LEU I 39 20.12 -24.81 -4.39
N LEU I 40 20.11 -24.92 -5.73
CA LEU I 40 19.06 -25.70 -6.38
C LEU I 40 19.15 -27.17 -5.97
N ARG I 41 20.37 -27.71 -5.92
CA ARG I 41 20.54 -29.11 -5.50
C ARG I 41 20.20 -29.29 -4.02
N LYS I 42 20.76 -28.46 -3.15
CA LYS I 42 20.63 -28.55 -1.70
C LYS I 42 19.26 -28.11 -1.18
N GLY I 43 18.56 -27.23 -1.91
CA GLY I 43 17.26 -26.73 -1.48
C GLY I 43 16.06 -27.60 -1.77
N ASN I 44 16.26 -28.86 -2.13
CA ASN I 44 15.19 -29.84 -2.37
C ASN I 44 14.17 -29.45 -3.45
N TYR I 45 14.56 -28.64 -4.43
CA TYR I 45 13.59 -28.29 -5.47
C TYR I 45 13.29 -29.48 -6.37
N SER I 46 14.16 -30.47 -6.42
CA SER I 46 13.95 -31.67 -7.23
C SER I 46 14.98 -32.70 -6.77
N GLU I 47 14.77 -33.96 -7.20
CA GLU I 47 15.70 -35.00 -6.80
C GLU I 47 17.06 -34.88 -7.51
N ARG I 48 17.10 -34.14 -8.62
CA ARG I 48 18.34 -33.84 -9.34
C ARG I 48 18.11 -32.53 -10.09
N VAL I 49 19.19 -31.86 -10.48
CA VAL I 49 19.11 -30.56 -11.16
C VAL I 49 19.95 -30.50 -12.43
N GLY I 50 19.32 -30.05 -13.52
CA GLY I 50 20.00 -29.94 -14.80
C GLY I 50 21.08 -28.88 -14.81
N ALA I 51 22.14 -29.14 -15.59
CA ALA I 51 23.29 -28.24 -15.68
C ALA I 51 22.95 -26.89 -16.31
N GLY I 52 21.96 -26.84 -17.21
CA GLY I 52 21.52 -25.59 -17.81
C GLY I 52 20.66 -24.72 -16.91
N ALA I 53 20.00 -25.34 -15.94
CA ALA I 53 19.10 -24.65 -15.03
C ALA I 53 19.80 -23.58 -14.18
N PRO I 54 20.92 -23.86 -13.50
CA PRO I 54 21.53 -22.81 -12.68
C PRO I 54 22.08 -21.67 -13.53
N VAL I 55 22.49 -21.94 -14.76
CA VAL I 55 22.97 -20.89 -15.65
C VAL I 55 21.81 -19.96 -16.02
N TYR I 56 20.71 -20.55 -16.51
CA TYR I 56 19.54 -19.78 -16.91
C TYR I 56 18.98 -18.97 -15.72
N LEU I 57 18.86 -19.60 -14.55
CA LEU I 57 18.36 -18.91 -13.37
C LEU I 57 19.31 -17.79 -12.94
N ALA I 58 20.62 -18.04 -12.93
CA ALA I 58 21.58 -17.00 -12.57
C ALA I 58 21.43 -15.80 -13.51
N ALA I 59 21.32 -16.05 -14.81
CA ALA I 59 21.17 -14.98 -15.79
C ALA I 59 19.88 -14.19 -15.55
N VAL I 60 18.80 -14.88 -15.17
CA VAL I 60 17.52 -14.22 -14.88
C VAL I 60 17.65 -13.31 -13.65
N LEU I 61 18.17 -13.85 -12.54
CA LEU I 61 18.33 -13.06 -11.32
C LEU I 61 19.24 -11.85 -11.57
N GLU I 62 20.36 -12.06 -12.28
CA GLU I 62 21.26 -10.96 -12.62
C GLU I 62 20.53 -9.91 -13.45
N TYR I 63 19.76 -10.34 -14.44
CA TYR I 63 19.02 -9.40 -15.28
C TYR I 63 18.04 -8.57 -14.45
N LEU I 64 17.24 -9.20 -13.60
CA LEU I 64 16.31 -8.40 -12.80
C LEU I 64 17.07 -7.48 -11.85
N THR I 65 18.23 -7.91 -11.36
CA THR I 65 19.03 -7.04 -10.49
C THR I 65 19.47 -5.80 -11.25
N ALA I 66 19.93 -5.99 -12.50
CA ALA I 66 20.32 -4.86 -13.34
C ALA I 66 19.13 -3.95 -13.64
N GLU I 67 17.97 -4.50 -13.98
CA GLU I 67 16.80 -3.68 -14.28
C GLU I 67 16.36 -2.85 -13.06
N ILE I 68 16.39 -3.46 -11.88
CA ILE I 68 16.06 -2.77 -10.63
C ILE I 68 17.06 -1.66 -10.37
N LEU I 69 18.35 -1.95 -10.49
CA LEU I 69 19.36 -0.95 -10.18
C LEU I 69 19.42 0.15 -11.26
N GLU I 70 19.16 -0.20 -12.52
CA GLU I 70 19.04 0.81 -13.58
C GLU I 70 18.02 1.86 -13.18
N LEU I 71 16.84 1.40 -12.74
CA LEU I 71 15.75 2.30 -12.37
C LEU I 71 16.05 3.03 -11.04
N ALA I 72 16.69 2.37 -10.08
CA ALA I 72 17.05 3.01 -8.82
C ALA I 72 18.16 4.05 -9.02
N GLY I 73 19.13 3.76 -9.90
CA GLY I 73 20.19 4.71 -10.20
C GLY I 73 19.61 5.92 -10.90
N ASN I 74 18.66 5.71 -11.82
CA ASN I 74 17.95 6.83 -12.44
C ASN I 74 17.24 7.65 -11.38
N ALA I 75 16.47 7.02 -10.50
CA ALA I 75 15.77 7.74 -9.43
C ALA I 75 16.74 8.54 -8.57
N ALA I 76 17.93 8.00 -8.29
CA ALA I 76 18.95 8.73 -7.54
C ALA I 76 19.45 9.95 -8.31
N ARG I 77 19.80 9.78 -9.57
CA ARG I 77 20.24 10.89 -10.43
C ARG I 77 19.13 11.92 -10.63
N ASP I 78 17.88 11.48 -10.69
CA ASP I 78 16.74 12.39 -10.83
C ASP I 78 16.57 13.23 -9.58
N ASN I 79 17.16 12.80 -8.46
CA ASN I 79 17.21 13.55 -7.21
C ASN I 79 18.54 14.25 -7.06
N LYS I 80 19.39 14.19 -8.09
CA LYS I 80 20.74 14.72 -8.13
C LYS I 80 21.69 14.12 -7.11
N LYS I 81 21.34 12.94 -6.58
CA LYS I 81 22.14 12.18 -5.64
C LYS I 81 23.03 11.19 -6.40
N THR I 82 24.06 10.71 -5.68
CA THR I 82 25.04 9.77 -6.22
C THR I 82 25.00 8.41 -5.53
N ARG I 83 24.12 8.20 -4.55
CA ARG I 83 24.07 6.93 -3.83
C ARG I 83 22.63 6.46 -3.73
N ILE I 84 22.42 5.17 -4.03
CA ILE I 84 21.12 4.52 -3.97
C ILE I 84 20.79 4.13 -2.53
N ILE I 85 19.80 4.80 -1.95
CA ILE I 85 19.27 4.47 -0.63
C ILE I 85 17.96 3.72 -0.84
N PRO I 86 17.37 3.15 0.22
CA PRO I 86 16.10 2.43 0.07
C PRO I 86 15.01 3.17 -0.69
N ARG I 87 14.85 4.47 -0.45
CA ARG I 87 13.85 5.25 -1.16
C ARG I 87 14.01 5.15 -2.67
N HIS I 88 15.24 5.17 -3.17
CA HIS I 88 15.41 5.09 -4.63
C HIS I 88 14.92 3.75 -5.17
N LEU I 89 15.09 2.67 -4.40
CA LEU I 89 14.56 1.37 -4.79
C LEU I 89 13.04 1.39 -4.79
N GLN I 90 12.43 1.99 -3.77
CA GLN I 90 10.97 2.07 -3.73
C GLN I 90 10.43 2.93 -4.88
N LEU I 91 11.03 4.10 -5.11
CA LEU I 91 10.63 4.96 -6.23
C LEU I 91 10.74 4.23 -7.56
N ALA I 92 11.86 3.52 -7.76
CA ALA I 92 12.09 2.76 -8.99
C ALA I 92 11.05 1.66 -9.19
N ILE I 93 10.86 0.81 -8.18
CA ILE I 93 9.91 -0.30 -8.25
C ILE I 93 8.47 0.19 -8.40
N ARG I 94 8.07 1.26 -7.70
CA ARG I 94 6.71 1.75 -7.82
C ARG I 94 6.44 2.57 -9.07
N ASN I 95 7.45 3.11 -9.74
CA ASN I 95 7.20 3.92 -10.93
C ASN I 95 7.07 3.09 -12.21
N ASP I 96 7.44 1.81 -12.20
CA ASP I 96 7.29 0.93 -13.35
C ASP I 96 6.11 0.01 -13.07
N GLU I 97 5.14 -0.03 -13.99
CA GLU I 97 3.95 -0.88 -13.84
C GLU I 97 4.28 -2.37 -13.74
N GLU I 98 5.27 -2.86 -14.47
CA GLU I 98 5.59 -4.29 -14.43
C GLU I 98 6.28 -4.69 -13.14
N LEU I 99 7.34 -3.98 -12.75
CA LEU I 99 7.97 -4.28 -11.46
C LEU I 99 7.02 -4.00 -10.32
N ASN I 100 6.14 -3.02 -10.46
CA ASN I 100 5.14 -2.77 -9.42
C ASN I 100 4.20 -3.97 -9.30
N LYS I 101 3.86 -4.59 -10.43
CA LYS I 101 3.02 -5.79 -10.39
C LYS I 101 3.75 -6.97 -9.74
N LEU I 102 5.03 -7.15 -10.10
CA LEU I 102 5.82 -8.25 -9.54
C LEU I 102 6.03 -8.09 -8.03
N LEU I 103 6.31 -6.86 -7.59
CA LEU I 103 6.61 -6.54 -6.20
C LEU I 103 5.47 -5.76 -5.52
N GLY I 104 4.23 -6.02 -5.92
CA GLY I 104 3.08 -5.33 -5.35
C GLY I 104 2.69 -5.78 -3.95
N ARG I 105 3.17 -6.95 -3.53
CA ARG I 105 2.93 -7.52 -2.22
C ARG I 105 4.20 -7.50 -1.35
N VAL I 106 5.13 -6.60 -1.67
CA VAL I 106 6.42 -6.48 -0.98
C VAL I 106 6.53 -5.13 -0.29
N THR I 107 6.77 -5.17 1.02
CA THR I 107 7.08 -4.00 1.82
C THR I 107 8.59 -3.79 1.74
N ILE I 108 9.00 -2.57 1.45
CA ILE I 108 10.42 -2.23 1.42
C ILE I 108 10.73 -1.35 2.63
N ALA I 109 11.64 -1.82 3.48
CA ALA I 109 12.03 -1.04 4.65
C ALA I 109 12.57 0.32 4.24
N GLN I 110 12.21 1.37 5.01
CA GLN I 110 12.61 2.74 4.67
C GLN I 110 12.20 3.16 3.26
N GLY I 111 11.19 2.50 2.69
CA GLY I 111 10.75 2.77 1.33
C GLY I 111 9.81 3.96 1.16
N GLY I 112 8.81 4.08 2.04
CA GLY I 112 7.79 5.09 1.95
C GLY I 112 6.85 4.87 0.76
N VAL I 113 6.23 5.95 0.28
CA VAL I 113 5.29 5.86 -0.84
C VAL I 113 5.45 7.03 -1.81
N LEU I 114 4.83 6.87 -2.98
CA LEU I 114 4.75 7.95 -3.96
C LEU I 114 3.72 8.98 -3.47
N PRO I 115 3.93 10.29 -3.74
CA PRO I 115 2.99 11.30 -3.24
C PRO I 115 1.53 11.02 -3.59
N ASN I 116 1.22 10.95 -4.90
CA ASN I 116 -0.09 10.55 -5.42
C ASN I 116 -1.29 11.23 -4.73
N ILE I 117 -1.19 12.52 -4.39
CA ILE I 117 -2.32 13.21 -3.75
C ILE I 117 -3.51 13.26 -4.70
N GLN I 118 -4.67 12.80 -4.24
CA GLN I 118 -5.87 12.75 -5.07
C GLN I 118 -6.39 14.14 -5.41
N ALA I 119 -6.85 14.29 -6.65
CA ALA I 119 -7.30 15.58 -7.18
C ALA I 119 -8.41 16.24 -6.37
N VAL I 120 -9.39 15.47 -5.88
CA VAL I 120 -10.46 16.06 -5.08
C VAL I 120 -10.00 16.61 -3.73
N LEU I 121 -8.74 16.39 -3.38
CA LEU I 121 -8.18 16.93 -2.15
C LEU I 121 -7.51 18.29 -2.37
N LEU I 122 -7.06 18.58 -3.59
CA LEU I 122 -6.44 19.86 -3.87
C LEU I 122 -7.51 20.95 -4.02
N PRO I 123 -7.25 22.17 -3.52
CA PRO I 123 -8.22 23.25 -3.63
C PRO I 123 -8.45 23.70 -5.07
N GLU J 36 26.17 -16.19 3.97
CA GLU J 36 26.37 -15.88 2.53
C GLU J 36 25.34 -14.87 2.02
N SER J 37 25.75 -14.08 1.03
CA SER J 37 24.87 -13.09 0.43
C SER J 37 25.30 -12.81 -1.00
N TYR J 38 24.35 -12.40 -1.82
CA TYR J 38 24.62 -12.01 -3.20
C TYR J 38 25.19 -10.61 -3.30
N SER J 39 25.35 -9.94 -2.16
CA SER J 39 25.81 -8.55 -2.05
C SER J 39 26.97 -8.15 -2.97
N VAL J 40 28.06 -8.91 -2.98
CA VAL J 40 29.21 -8.59 -3.84
C VAL J 40 28.83 -8.62 -5.31
N TYR J 41 28.02 -9.59 -5.73
CA TYR J 41 27.59 -9.65 -7.12
C TYR J 41 26.60 -8.54 -7.45
N VAL J 42 25.76 -8.16 -6.50
CA VAL J 42 24.87 -7.01 -6.70
C VAL J 42 25.70 -5.75 -6.94
N TYR J 43 26.70 -5.54 -6.08
CA TYR J 43 27.58 -4.38 -6.22
C TYR J 43 28.34 -4.40 -7.54
N LYS J 44 28.84 -5.57 -7.97
CA LYS J 44 29.52 -5.67 -9.26
C LYS J 44 28.56 -5.40 -10.43
N VAL J 45 27.29 -5.81 -10.31
CA VAL J 45 26.29 -5.56 -11.34
C VAL J 45 25.96 -4.07 -11.41
N LEU J 46 25.90 -3.41 -10.25
CA LEU J 46 25.62 -1.98 -10.18
C LEU J 46 26.61 -1.16 -11.00
N LYS J 47 27.89 -1.56 -11.03
CA LYS J 47 28.89 -0.79 -11.76
C LYS J 47 28.73 -0.88 -13.29
N GLN J 48 28.01 -1.87 -13.81
CA GLN J 48 27.76 -1.90 -15.26
C GLN J 48 26.74 -0.84 -15.66
N VAL J 49 25.60 -0.80 -14.97
CA VAL J 49 24.53 0.13 -15.30
C VAL J 49 24.86 1.56 -14.82
N HIS J 50 25.55 1.70 -13.69
CA HIS J 50 25.91 3.01 -13.17
C HIS J 50 27.31 2.97 -12.56
N PRO J 51 28.34 3.00 -13.42
CA PRO J 51 29.73 2.90 -12.97
C PRO J 51 30.14 3.81 -11.82
N ASP J 52 29.57 5.01 -11.69
CA ASP J 52 29.96 5.94 -10.63
C ASP J 52 29.05 5.97 -9.39
N THR J 53 27.90 5.31 -9.39
CA THR J 53 27.01 5.40 -8.25
C THR J 53 27.34 4.37 -7.17
N GLY J 54 27.02 4.73 -5.93
CA GLY J 54 27.19 3.87 -4.78
C GLY J 54 25.83 3.38 -4.29
N ILE J 55 25.85 2.44 -3.35
CA ILE J 55 24.65 1.89 -2.74
C ILE J 55 24.87 1.78 -1.23
N SER J 56 23.86 2.13 -0.45
CA SER J 56 23.96 2.06 1.00
C SER J 56 23.82 0.63 1.51
N SER J 57 24.23 0.42 2.77
CA SER J 57 24.09 -0.91 3.39
C SER J 57 22.64 -1.37 3.46
N LYS J 58 21.72 -0.48 3.85
CA LYS J 58 20.30 -0.85 3.88
C LYS J 58 19.77 -1.17 2.48
N ALA J 59 20.13 -0.36 1.49
CA ALA J 59 19.69 -0.66 0.12
C ALA J 59 20.28 -1.97 -0.36
N MET J 60 21.52 -2.27 0.04
CA MET J 60 22.10 -3.55 -0.30
C MET J 60 21.32 -4.68 0.36
N GLY J 61 20.88 -4.46 1.61
CA GLY J 61 20.07 -5.44 2.31
C GLY J 61 18.77 -5.71 1.58
N ILE J 62 18.22 -4.68 0.95
CA ILE J 62 17.01 -4.82 0.15
C ILE J 62 17.30 -5.64 -1.10
N MET J 63 18.35 -5.30 -1.84
CA MET J 63 18.69 -6.08 -3.04
C MET J 63 18.98 -7.54 -2.68
N ASN J 64 19.66 -7.77 -1.56
CA ASN J 64 19.94 -9.13 -1.08
C ASN J 64 18.63 -9.89 -0.82
N SER J 65 17.67 -9.23 -0.16
CA SER J 65 16.37 -9.85 0.14
C SER J 65 15.61 -10.10 -1.15
N PHE J 66 15.69 -9.17 -2.11
CA PHE J 66 15.02 -9.29 -3.40
C PHE J 66 15.55 -10.47 -4.20
N VAL J 67 16.87 -10.64 -4.25
CA VAL J 67 17.44 -11.76 -4.98
C VAL J 67 17.05 -13.09 -4.32
N ASN J 68 17.14 -13.17 -2.99
CA ASN J 68 16.71 -14.39 -2.30
C ASN J 68 15.23 -14.71 -2.55
N ASP J 69 14.39 -13.67 -2.58
CA ASP J 69 12.97 -13.85 -2.84
C ASP J 69 12.69 -14.35 -4.26
N ILE J 70 13.17 -13.64 -5.29
CA ILE J 70 12.90 -14.08 -6.66
C ILE J 70 13.53 -15.44 -6.91
N PHE J 71 14.69 -15.72 -6.30
CA PHE J 71 15.27 -17.06 -6.42
C PHE J 71 14.28 -18.11 -5.91
N GLU J 72 13.73 -17.91 -4.72
CA GLU J 72 12.76 -18.87 -4.18
C GLU J 72 11.47 -18.93 -5.00
N ARG J 73 11.02 -17.80 -5.54
CA ARG J 73 9.80 -17.83 -6.37
C ARG J 73 10.01 -18.65 -7.63
N ILE J 74 11.13 -18.44 -8.32
CA ILE J 74 11.42 -19.21 -9.53
C ILE J 74 11.71 -20.67 -9.20
N ALA J 75 12.59 -20.94 -8.22
CA ALA J 75 12.95 -22.32 -7.89
C ALA J 75 11.75 -23.13 -7.38
N GLY J 76 10.90 -22.50 -6.56
CA GLY J 76 9.71 -23.17 -6.04
C GLY J 76 8.71 -23.45 -7.16
N GLU J 77 8.59 -22.52 -8.08
CA GLU J 77 7.72 -22.70 -9.24
C GLU J 77 8.28 -23.76 -10.19
N ALA J 78 9.60 -23.80 -10.38
CA ALA J 78 10.21 -24.82 -11.23
C ALA J 78 10.03 -26.18 -10.57
N SER J 79 10.08 -26.22 -9.25
CA SER J 79 9.87 -27.46 -8.49
C SER J 79 8.45 -27.96 -8.76
N ARG J 80 7.47 -27.07 -8.68
CA ARG J 80 6.08 -27.44 -8.96
C ARG J 80 5.94 -27.88 -10.41
N LEU J 81 6.50 -27.13 -11.36
CA LEU J 81 6.40 -27.49 -12.77
C LEU J 81 6.92 -28.90 -13.02
N ALA J 82 8.06 -29.26 -12.43
CA ALA J 82 8.59 -30.61 -12.59
C ALA J 82 7.67 -31.63 -11.94
N HIS J 83 7.25 -31.38 -10.71
CA HIS J 83 6.36 -32.30 -10.00
C HIS J 83 5.02 -32.48 -10.72
N TYR J 84 4.42 -31.41 -11.23
CA TYR J 84 3.16 -31.48 -11.98
C TYR J 84 3.29 -32.34 -13.23
N ASN J 85 4.45 -32.35 -13.86
CA ASN J 85 4.74 -33.14 -15.04
C ASN J 85 5.36 -34.50 -14.68
N LYS J 86 5.45 -34.79 -13.39
CA LYS J 86 6.06 -36.02 -12.86
C LYS J 86 7.49 -36.25 -13.35
N ARG J 87 8.18 -35.16 -13.72
CA ARG J 87 9.58 -35.23 -14.07
C ARG J 87 10.39 -35.33 -12.78
N SER J 88 11.69 -35.56 -12.90
CA SER J 88 12.56 -35.65 -11.73
C SER J 88 13.67 -34.61 -11.68
N THR J 89 13.80 -33.74 -12.68
CA THR J 89 14.87 -32.74 -12.64
C THR J 89 14.40 -31.40 -13.18
N ILE J 90 14.93 -30.35 -12.57
CA ILE J 90 14.72 -28.96 -12.97
C ILE J 90 15.70 -28.65 -14.11
N THR J 91 15.17 -28.62 -15.34
CA THR J 91 15.93 -28.27 -16.52
C THR J 91 15.79 -26.78 -16.83
N SER J 92 16.56 -26.31 -17.83
CA SER J 92 16.42 -24.93 -18.27
C SER J 92 15.00 -24.66 -18.74
N ARG J 93 14.33 -25.67 -19.30
CA ARG J 93 12.95 -25.51 -19.73
C ARG J 93 12.04 -25.22 -18.54
N GLU J 94 12.30 -25.90 -17.40
CA GLU J 94 11.50 -25.66 -16.21
C GLU J 94 11.73 -24.24 -15.69
N ILE J 95 12.98 -23.77 -15.68
CA ILE J 95 13.27 -22.40 -15.25
C ILE J 95 12.58 -21.41 -16.20
N GLN J 96 12.72 -21.66 -17.50
CA GLN J 96 12.13 -20.80 -18.53
C GLN J 96 10.62 -20.66 -18.36
N THR J 97 9.93 -21.75 -18.04
CA THR J 97 8.49 -21.67 -17.83
C THR J 97 8.16 -21.02 -16.49
N ALA J 98 8.93 -21.31 -15.44
CA ALA J 98 8.70 -20.66 -14.15
C ALA J 98 8.88 -19.15 -14.26
N VAL J 99 9.74 -18.72 -15.19
CA VAL J 99 9.92 -17.30 -15.50
C VAL J 99 8.76 -16.76 -16.32
N ARG J 100 8.39 -17.42 -17.42
CA ARG J 100 7.27 -16.92 -18.21
C ARG J 100 5.98 -16.89 -17.43
N LEU J 101 5.86 -17.70 -16.38
CA LEU J 101 4.72 -17.64 -15.47
C LEU J 101 4.88 -16.49 -14.47
N LEU J 102 6.01 -16.45 -13.74
CA LEU J 102 6.24 -15.46 -12.69
C LEU J 102 6.36 -14.00 -13.17
N LEU J 103 7.09 -13.75 -14.24
CA LEU J 103 7.30 -12.36 -14.65
C LEU J 103 6.24 -11.82 -15.59
N PRO J 104 5.99 -10.50 -15.49
CA PRO J 104 5.05 -9.84 -16.39
C PRO J 104 5.51 -9.93 -17.84
N GLY J 105 4.60 -9.63 -18.76
CA GLY J 105 4.83 -9.77 -20.18
C GLY J 105 6.11 -9.27 -20.84
N GLU J 106 6.49 -8.00 -20.68
CA GLU J 106 7.70 -7.51 -21.36
C GLU J 106 8.97 -7.94 -20.61
N LEU J 107 8.92 -7.86 -19.28
CA LEU J 107 10.05 -8.29 -18.47
C LEU J 107 10.33 -9.76 -18.70
N ALA J 108 9.28 -10.57 -18.86
CA ALA J 108 9.45 -11.99 -19.11
C ALA J 108 10.25 -12.23 -20.38
N LYS J 109 9.93 -11.50 -21.45
CA LYS J 109 10.65 -11.66 -22.71
C LYS J 109 12.12 -11.29 -22.58
N HIS J 110 12.41 -10.25 -21.81
CA HIS J 110 13.81 -9.88 -21.58
C HIS J 110 14.54 -10.93 -20.75
N ALA J 111 13.97 -11.35 -19.63
CA ALA J 111 14.58 -12.37 -18.79
C ALA J 111 14.81 -13.66 -19.57
N VAL J 112 13.80 -14.11 -20.33
CA VAL J 112 13.93 -15.30 -21.17
C VAL J 112 15.06 -15.15 -22.19
N SER J 113 15.21 -13.95 -22.76
CA SER J 113 16.32 -13.70 -23.69
C SER J 113 17.68 -13.81 -23.00
N GLU J 114 17.82 -13.22 -21.81
CA GLU J 114 19.10 -13.30 -21.09
C GLU J 114 19.38 -14.73 -20.61
N GLY J 115 18.36 -15.48 -20.22
CA GLY J 115 18.56 -16.87 -19.83
C GLY J 115 19.00 -17.72 -21.01
N THR J 116 18.35 -17.55 -22.16
CA THR J 116 18.69 -18.28 -23.36
C THR J 116 20.12 -17.94 -23.80
N LYS J 117 20.46 -16.66 -23.86
CA LYS J 117 21.81 -16.23 -24.25
C LYS J 117 22.86 -16.80 -23.29
N ALA J 118 22.59 -16.79 -21.99
CA ALA J 118 23.53 -17.34 -21.01
C ALA J 118 23.74 -18.84 -21.22
N VAL J 119 22.67 -19.63 -21.36
CA VAL J 119 22.86 -21.06 -21.61
C VAL J 119 23.53 -21.31 -22.96
N THR J 120 23.30 -20.45 -23.96
CA THR J 120 23.95 -20.61 -25.27
C THR J 120 25.45 -20.43 -25.14
N LYS J 121 25.89 -19.35 -24.50
CA LYS J 121 27.33 -19.16 -24.29
C LYS J 121 27.90 -20.26 -23.39
N TYR J 122 27.23 -20.60 -22.30
CA TYR J 122 27.75 -21.62 -21.39
C TYR J 122 27.90 -22.99 -22.07
N THR J 123 27.02 -23.36 -22.99
CA THR J 123 27.20 -24.64 -23.67
C THR J 123 28.29 -24.62 -24.73
N SER J 124 28.94 -23.48 -24.96
CA SER J 124 30.03 -23.39 -25.94
C SER J 124 31.37 -23.60 -25.25
N ALA K 936 26.02 26.15 -4.49
CA ALA K 936 25.78 27.39 -3.73
C ALA K 936 24.92 27.16 -2.47
N GLU K 937 24.12 26.08 -2.47
CA GLU K 937 23.29 25.76 -1.31
C GLU K 937 23.20 24.24 -1.19
N GLU K 938 23.27 23.72 0.04
CA GLU K 938 23.26 22.28 0.28
C GLU K 938 22.45 21.90 1.52
N GLY K 939 22.00 20.63 1.52
CA GLY K 939 21.23 20.05 2.62
C GLY K 939 22.09 19.49 3.75
N ASP K 940 21.44 19.30 4.90
CA ASP K 940 22.07 18.79 6.12
C ASP K 940 22.62 17.38 5.96
N SER K 941 23.92 17.23 6.25
CA SER K 941 24.65 15.96 6.15
C SER K 941 24.06 14.84 7.03
N GLU K 942 23.34 15.17 8.10
CA GLU K 942 22.72 14.15 8.95
C GLU K 942 21.85 13.20 8.11
N SER K 943 21.27 13.71 7.03
CA SER K 943 20.47 12.94 6.09
C SER K 943 21.24 11.73 5.53
N GLU K 944 22.55 11.89 5.33
CA GLU K 944 23.44 10.87 4.78
C GLU K 944 24.15 10.05 5.86
N ILE K 945 24.34 10.59 7.07
CA ILE K 945 25.02 9.87 8.14
C ILE K 945 24.22 8.65 8.60
N GLU K 946 22.90 8.75 8.60
CA GLU K 946 22.06 7.63 9.04
C GLU K 946 22.09 6.43 8.11
N ASP K 947 22.73 6.51 6.93
CA ASP K 947 22.76 5.34 6.02
C ASP K 947 24.06 5.38 5.22
N GLU K 948 25.08 4.68 5.76
CA GLU K 948 26.41 4.60 5.18
C GLU K 948 26.47 3.72 3.94
N THR K 949 27.51 3.94 3.14
CA THR K 949 27.74 3.19 1.91
C THR K 949 28.16 1.74 2.19
N PHE K 950 27.76 0.84 1.29
CA PHE K 950 28.14 -0.57 1.35
C PHE K 950 29.66 -0.75 1.37
N ASN K 951 30.15 -1.46 2.38
CA ASN K 951 31.58 -1.75 2.49
C ASN K 951 31.82 -3.20 2.04
N PRO K 952 32.63 -3.47 1.01
CA PRO K 952 32.84 -4.87 0.61
C PRO K 952 33.70 -5.68 1.57
N SER K 953 34.38 -5.03 2.51
CA SER K 953 35.25 -5.72 3.45
C SER K 953 34.62 -5.76 4.85
N HIS L 40 -51.95 -6.72 -13.37
CA HIS L 40 -51.13 -6.73 -12.12
C HIS L 40 -49.66 -6.51 -12.46
N ARG L 41 -48.95 -5.77 -11.61
CA ARG L 41 -47.52 -5.57 -11.76
C ARG L 41 -46.83 -5.52 -10.41
N TYR L 42 -45.70 -6.19 -10.29
CA TYR L 42 -44.91 -6.06 -9.08
C TYR L 42 -44.20 -4.70 -9.08
N ARG L 43 -43.95 -4.22 -7.90
CA ARG L 43 -43.32 -2.94 -7.63
C ARG L 43 -41.81 -3.02 -7.88
N PRO L 44 -41.19 -1.93 -8.29
CA PRO L 44 -39.76 -1.93 -8.59
C PRO L 44 -38.89 -2.54 -7.50
N GLY L 45 -38.00 -3.45 -7.90
CA GLY L 45 -37.11 -4.15 -6.99
C GLY L 45 -37.69 -5.36 -6.28
N THR L 46 -39.00 -5.57 -6.32
CA THR L 46 -39.60 -6.74 -5.68
C THR L 46 -39.12 -8.02 -6.39
N VAL L 47 -39.12 -7.98 -7.72
CA VAL L 47 -38.66 -9.12 -8.52
C VAL L 47 -37.15 -9.20 -8.44
N ALA L 48 -36.47 -8.07 -8.21
CA ALA L 48 -35.03 -8.11 -8.00
C ALA L 48 -34.70 -8.91 -6.75
N LEU L 49 -35.36 -8.62 -5.63
CA LEU L 49 -35.15 -9.38 -4.39
C LEU L 49 -35.53 -10.84 -4.58
N ARG L 50 -36.57 -11.08 -5.39
CA ARG L 50 -36.99 -12.45 -5.71
C ARG L 50 -35.92 -13.17 -6.52
N GLU L 51 -35.34 -12.48 -7.50
CA GLU L 51 -34.26 -13.05 -8.31
C GLU L 51 -33.04 -13.32 -7.45
N ILE L 52 -32.67 -12.38 -6.57
CA ILE L 52 -31.54 -12.62 -5.67
C ILE L 52 -31.74 -13.93 -4.92
N ARG L 53 -32.93 -14.11 -4.34
CA ARG L 53 -33.20 -15.36 -3.62
C ARG L 53 -33.13 -16.59 -4.53
N ARG L 54 -33.71 -16.54 -5.73
CA ARG L 54 -33.63 -17.68 -6.65
C ARG L 54 -32.19 -18.02 -7.04
N TYR L 55 -31.38 -17.01 -7.38
CA TYR L 55 -30.00 -17.22 -7.81
C TYR L 55 -29.02 -17.50 -6.67
N GLN L 56 -29.32 -17.11 -5.45
CA GLN L 56 -28.47 -17.49 -4.33
C GLN L 56 -28.84 -18.89 -3.83
N LYS L 57 -30.13 -19.25 -3.87
CA LYS L 57 -30.57 -20.55 -3.39
C LYS L 57 -30.09 -21.68 -4.32
N SER L 58 -29.94 -21.41 -5.62
CA SER L 58 -29.48 -22.41 -6.59
C SER L 58 -27.95 -22.50 -6.61
N THR L 59 -27.43 -23.43 -7.43
CA THR L 59 -25.99 -23.65 -7.61
C THR L 59 -25.56 -23.79 -9.07
N GLU L 60 -26.49 -23.68 -10.01
CA GLU L 60 -26.21 -23.74 -11.45
C GLU L 60 -25.24 -22.64 -11.88
N LEU L 61 -24.64 -22.84 -13.06
CA LEU L 61 -23.77 -21.84 -13.67
C LEU L 61 -24.64 -20.85 -14.41
N LEU L 62 -24.43 -19.56 -14.16
CA LEU L 62 -25.28 -18.53 -14.74
C LEU L 62 -24.93 -18.15 -16.19
N ILE L 63 -23.67 -18.25 -16.60
CA ILE L 63 -23.31 -17.92 -17.99
C ILE L 63 -23.63 -19.10 -18.89
N ARG L 64 -24.12 -18.81 -20.10
CA ARG L 64 -24.41 -19.87 -21.05
C ARG L 64 -23.10 -20.59 -21.42
N LYS L 65 -23.16 -21.93 -21.46
CA LYS L 65 -21.96 -22.74 -21.71
C LYS L 65 -21.29 -22.43 -23.05
N LEU L 66 -22.04 -22.46 -24.15
CA LEU L 66 -21.45 -22.22 -25.48
C LEU L 66 -20.83 -20.83 -25.64
N PRO L 67 -21.52 -19.73 -25.29
CA PRO L 67 -20.88 -18.42 -25.39
C PRO L 67 -19.60 -18.30 -24.59
N PHE L 68 -19.58 -18.82 -23.35
CA PHE L 68 -18.37 -18.80 -22.53
C PHE L 68 -17.28 -19.65 -23.16
N GLN L 69 -17.63 -20.85 -23.61
CA GLN L 69 -16.68 -21.75 -24.25
C GLN L 69 -16.03 -21.08 -25.46
N ARG L 70 -16.82 -20.40 -26.30
CA ARG L 70 -16.23 -19.71 -27.45
C ARG L 70 -15.37 -18.55 -26.98
N LEU L 71 -15.80 -17.82 -25.94
CA LEU L 71 -14.97 -16.74 -25.44
C LEU L 71 -13.59 -17.26 -25.08
N VAL L 72 -13.56 -18.33 -24.28
CA VAL L 72 -12.30 -18.97 -23.90
C VAL L 72 -11.46 -19.29 -25.13
N ARG L 73 -12.04 -20.03 -26.08
CA ARG L 73 -11.32 -20.39 -27.29
C ARG L 73 -10.88 -19.20 -28.14
N GLU L 74 -11.48 -18.02 -27.97
CA GLU L 74 -11.02 -16.87 -28.74
C GLU L 74 -9.93 -16.07 -28.03
N ILE L 75 -10.04 -15.97 -26.70
CA ILE L 75 -8.96 -15.32 -25.90
C ILE L 75 -7.73 -16.22 -25.95
N ALA L 76 -7.92 -17.53 -25.76
CA ALA L 76 -6.79 -18.48 -25.72
C ALA L 76 -6.03 -18.49 -27.05
N GLN L 77 -6.75 -18.40 -28.17
CA GLN L 77 -6.08 -18.51 -29.48
C GLN L 77 -4.89 -17.56 -29.54
N ASP L 78 -4.86 -16.54 -28.70
CA ASP L 78 -3.78 -15.53 -28.77
C ASP L 78 -2.58 -15.92 -27.89
N PHE L 79 -2.52 -17.16 -27.37
CA PHE L 79 -1.30 -17.49 -26.60
C PHE L 79 -0.65 -18.69 -27.30
N LYS L 80 -1.47 -19.56 -27.89
CA LYS L 80 -0.96 -20.69 -28.66
C LYS L 80 -2.07 -20.96 -29.67
N THR L 81 -1.69 -21.19 -30.93
CA THR L 81 -2.68 -21.38 -31.99
C THR L 81 -3.42 -22.71 -31.95
N ASP L 82 -4.73 -22.64 -32.16
CA ASP L 82 -5.64 -23.79 -32.26
C ASP L 82 -5.53 -24.75 -31.08
N LEU L 83 -5.51 -24.21 -29.87
CA LEU L 83 -5.47 -25.06 -28.68
C LEU L 83 -6.74 -25.90 -28.53
N ARG L 84 -6.56 -27.18 -28.22
CA ARG L 84 -7.67 -28.08 -27.94
C ARG L 84 -7.99 -27.96 -26.45
N PHE L 85 -9.26 -28.15 -26.06
CA PHE L 85 -9.63 -28.05 -24.64
C PHE L 85 -10.40 -29.24 -24.08
N GLN L 86 -9.94 -29.81 -22.97
CA GLN L 86 -10.73 -30.82 -22.29
C GLN L 86 -12.05 -30.16 -21.86
N SER L 87 -13.17 -30.88 -21.97
CA SER L 87 -14.44 -30.28 -21.55
C SER L 87 -14.37 -29.77 -20.10
N SER L 88 -13.68 -30.52 -19.24
CA SER L 88 -13.50 -30.12 -17.85
C SER L 88 -12.66 -28.86 -17.69
N ALA L 89 -11.82 -28.55 -18.66
CA ALA L 89 -11.02 -27.33 -18.59
C ALA L 89 -11.92 -26.10 -18.73
N VAL L 90 -12.84 -26.15 -19.70
CA VAL L 90 -13.81 -25.10 -19.90
C VAL L 90 -14.72 -25.00 -18.68
N MET L 91 -15.14 -26.15 -18.15
CA MET L 91 -15.97 -26.15 -16.95
C MET L 91 -15.28 -25.48 -15.77
N ALA L 92 -14.02 -25.82 -15.53
CA ALA L 92 -13.24 -25.23 -14.44
C ALA L 92 -13.05 -23.72 -14.65
N LEU L 93 -12.75 -23.31 -15.89
CA LEU L 93 -12.62 -21.88 -16.17
C LEU L 93 -13.92 -21.14 -15.87
N GLN L 94 -15.06 -21.75 -16.20
CA GLN L 94 -16.35 -21.09 -15.96
C GLN L 94 -16.64 -21.01 -14.47
N GLU L 95 -16.42 -22.11 -13.75
CA GLU L 95 -16.59 -22.10 -12.30
C GLU L 95 -15.75 -20.99 -11.65
N ALA L 96 -14.47 -20.92 -11.99
CA ALA L 96 -13.58 -19.89 -11.44
C ALA L 96 -14.00 -18.48 -11.84
N SER L 97 -14.39 -18.26 -13.10
CA SER L 97 -14.84 -16.94 -13.56
C SER L 97 -16.12 -16.50 -12.86
N GLU L 98 -17.10 -17.40 -12.71
CA GLU L 98 -18.35 -17.04 -12.04
C GLU L 98 -18.13 -16.81 -10.55
N ALA L 99 -17.30 -17.62 -9.88
CA ALA L 99 -17.02 -17.35 -8.48
C ALA L 99 -16.29 -16.01 -8.32
N TYR L 100 -15.42 -15.68 -9.27
CA TYR L 100 -14.70 -14.39 -9.25
C TYR L 100 -15.67 -13.21 -9.45
N LEU L 101 -16.55 -13.28 -10.44
CA LEU L 101 -17.49 -12.20 -10.69
C LEU L 101 -18.53 -12.09 -9.57
N VAL L 102 -19.01 -13.21 -9.03
CA VAL L 102 -19.95 -13.18 -7.92
C VAL L 102 -19.29 -12.51 -6.70
N GLY L 103 -18.05 -12.89 -6.38
CA GLY L 103 -17.35 -12.28 -5.26
C GLY L 103 -17.05 -10.81 -5.49
N LEU L 104 -16.78 -10.45 -6.75
CA LEU L 104 -16.55 -9.05 -7.11
C LEU L 104 -17.85 -8.27 -6.95
N PHE L 105 -18.97 -8.84 -7.35
CA PHE L 105 -20.27 -8.17 -7.21
C PHE L 105 -20.64 -8.04 -5.74
N GLU L 106 -20.40 -9.07 -4.93
CA GLU L 106 -20.65 -8.96 -3.49
C GLU L 106 -19.85 -7.79 -2.90
N ASP L 107 -18.61 -7.58 -3.34
CA ASP L 107 -17.80 -6.48 -2.82
C ASP L 107 -18.18 -5.12 -3.42
N THR L 108 -18.64 -5.13 -4.67
CA THR L 108 -19.13 -3.91 -5.33
C THR L 108 -20.44 -3.48 -4.71
N ASN L 109 -21.25 -4.44 -4.28
CA ASN L 109 -22.52 -4.12 -3.64
C ASN L 109 -22.23 -3.27 -2.40
N LEU L 110 -21.26 -3.70 -1.59
CA LEU L 110 -20.89 -2.94 -0.40
C LEU L 110 -20.32 -1.58 -0.79
N ALA L 111 -19.71 -1.48 -1.97
CA ALA L 111 -19.22 -0.16 -2.42
C ALA L 111 -20.38 0.78 -2.69
N ALA L 112 -21.38 0.33 -3.45
CA ALA L 112 -22.56 1.16 -3.73
C ALA L 112 -23.33 1.48 -2.46
N ILE L 113 -23.50 0.49 -1.58
CA ILE L 113 -24.17 0.68 -0.28
C ILE L 113 -23.41 1.69 0.56
N HIS L 114 -22.09 1.67 0.51
CA HIS L 114 -21.27 2.61 1.26
C HIS L 114 -21.52 4.04 0.78
N ALA L 115 -21.66 4.23 -0.52
CA ALA L 115 -22.01 5.52 -1.10
C ALA L 115 -23.52 5.88 -0.88
N LYS L 116 -24.18 5.15 0.02
CA LYS L 116 -25.59 5.27 0.37
C LYS L 116 -26.53 5.03 -0.80
N ARG L 117 -26.00 4.56 -1.92
CA ARG L 117 -26.77 4.20 -3.09
C ARG L 117 -27.33 2.79 -2.92
N VAL L 118 -28.05 2.33 -3.96
CA VAL L 118 -28.59 0.98 -4.05
C VAL L 118 -28.19 0.42 -5.43
N THR L 119 -28.05 1.32 -6.40
CA THR L 119 -27.60 1.03 -7.76
C THR L 119 -26.07 0.89 -7.82
N ILE L 120 -25.57 -0.25 -8.31
CA ILE L 120 -24.13 -0.36 -8.53
C ILE L 120 -23.80 0.30 -9.87
N MET L 121 -22.62 0.89 -9.94
CA MET L 121 -22.13 1.64 -11.08
C MET L 121 -20.68 1.29 -11.36
N PRO L 122 -20.18 1.60 -12.56
CA PRO L 122 -18.77 1.31 -12.88
C PRO L 122 -17.79 1.78 -11.82
N LYS L 123 -18.01 2.96 -11.25
CA LYS L 123 -17.19 3.50 -10.18
C LYS L 123 -17.11 2.59 -8.96
N ASP L 124 -18.12 1.73 -8.74
CA ASP L 124 -18.12 0.78 -7.64
C ASP L 124 -17.27 -0.44 -7.99
N ILE L 125 -17.34 -0.92 -9.23
CA ILE L 125 -16.49 -2.03 -9.65
C ILE L 125 -15.04 -1.57 -9.61
N GLN L 126 -14.76 -0.40 -10.17
CA GLN L 126 -13.41 0.14 -10.23
C GLN L 126 -12.84 0.40 -8.82
N LEU L 127 -13.70 0.75 -7.85
CA LEU L 127 -13.26 0.87 -6.46
C LEU L 127 -12.99 -0.51 -5.87
N ALA L 128 -13.94 -1.44 -6.02
CA ALA L 128 -13.76 -2.79 -5.46
C ALA L 128 -12.48 -3.43 -6.00
N ARG L 129 -12.20 -3.24 -7.29
CA ARG L 129 -10.96 -3.77 -7.87
C ARG L 129 -9.73 -3.03 -7.33
N ARG L 130 -9.76 -1.70 -7.27
CA ARG L 130 -8.62 -0.96 -6.74
C ARG L 130 -8.29 -1.34 -5.30
N ILE L 131 -9.31 -1.63 -4.49
CA ILE L 131 -9.04 -2.04 -3.11
C ILE L 131 -8.65 -3.52 -3.08
N ARG L 132 -9.23 -4.33 -3.96
CA ARG L 132 -8.86 -5.75 -4.06
C ARG L 132 -7.43 -5.89 -4.55
N GLY L 133 -6.94 -4.88 -5.29
CA GLY L 133 -5.59 -4.87 -5.82
C GLY L 133 -5.51 -5.42 -7.23
N GLU L 134 -5.85 -4.56 -8.19
CA GLU L 134 -5.82 -4.91 -9.60
C GLU L 134 -5.57 -3.66 -10.44
#